data_6HNU
#
_entry.id   6HNU
#
_cell.length_a   69.785
_cell.length_b   102.090
_cell.length_c   146.883
_cell.angle_alpha   90.00
_cell.angle_beta   90.00
_cell.angle_gamma   90.00
#
_symmetry.space_group_name_H-M   'P 21 21 21'
#
loop_
_entity.id
_entity.type
_entity.pdbx_description
1 polymer 'Aromatic amino acid aminotransferase I'
2 non-polymer 2-[BIS-(2-HYDROXY-ETHYL)-AMINO]-2-HYDROXYMETHYL-PROPANE-1,3-DIOL
3 non-polymer "PYRIDOXAL-5'-PHOSPHATE"
4 non-polymer PHENYLALANINE
5 non-polymer 'CHLORIDE ION'
6 non-polymer 2-AMINO-2-HYDROXYMETHYL-PROPANE-1,3-DIOL
7 water water
#
_entity_poly.entity_id   1
_entity_poly.type   'polypeptide(L)'
_entity_poly.pdbx_seq_one_letter_code
;MTSDTKPQAKDLTHLLSNESKARQTSPLKGIFKYYKQPGITFLGGGLPLSDYFPFEKVTADIPTPSFSGGIGAPIEGENK
TTIEVFKKAADNVPDQIELARSLQYGSTFGLPEFLQFIKEHTDMVHKVPYENWDVIVSVGNTEAWDSTLRTFCSKGDTIL
VEEYTFSSALESANGQGVNTVPVTMDEFGIIPEKLEELMSRWVGNKPKFLYTICTGQNPTGSSLSAERRKQIYDIACKYD
FLIIEDEPYYFLQMETYTKDKAAREGKAVHDHDEFLKALVPSFISLDVEGRVVRLDSFSKVLAPGLRLGWIVGQKDLLER
YVRLHEVSVQNPSGFSEALANALLRKWGHSGYLDWLIGLRAEYTHKRDVAIDALDQFVPKEVSSFNPPVAGMFFTVTLDA
SKHPKYKEFLEDPLKVEAAVHEQAIKQGCLLAPGSWFKAEGQSSPPQKNLPANPSHKTHIFFRGTYAAVPLDQLVVGLEK
FGKAVRAEFGL
;
_entity_poly.pdbx_strand_id   A,B
#
loop_
_chem_comp.id
_chem_comp.type
_chem_comp.name
_chem_comp.formula
BTB non-polymer 2-[BIS-(2-HYDROXY-ETHYL)-AMINO]-2-HYDROXYMETHYL-PROPANE-1,3-DIOL 'C8 H19 N O5'
CL non-polymer 'CHLORIDE ION' 'Cl -1'
PLP non-polymer PYRIDOXAL-5'-PHOSPHATE 'C8 H10 N O6 P'
TRS non-polymer 2-AMINO-2-HYDROXYMETHYL-PROPANE-1,3-DIOL 'C4 H12 N O3 1'
#
# COMPACT_ATOMS: atom_id res chain seq x y z
N LYS A 6 -5.88 -32.73 10.11
CA LYS A 6 -5.52 -32.62 8.65
C LYS A 6 -4.00 -32.68 8.49
N PRO A 7 -3.50 -33.13 7.33
CA PRO A 7 -2.06 -33.17 7.06
C PRO A 7 -1.38 -31.80 6.98
N GLN A 8 -0.05 -31.81 7.08
CA GLN A 8 0.82 -30.63 6.87
C GLN A 8 0.92 -30.41 5.37
N ALA A 9 1.02 -29.16 4.95
CA ALA A 9 1.28 -28.81 3.53
C ALA A 9 2.66 -29.34 3.16
N LYS A 10 2.92 -29.54 1.88
CA LYS A 10 4.29 -29.73 1.34
C LYS A 10 5.16 -28.55 1.77
N ASP A 11 6.45 -28.81 1.99
CA ASP A 11 7.49 -27.76 2.10
C ASP A 11 7.72 -27.18 0.70
N LEU A 12 7.27 -25.95 0.46
CA LEU A 12 7.40 -25.27 -0.86
C LEU A 12 8.37 -24.09 -0.76
N THR A 13 9.17 -24.02 0.30
CA THR A 13 10.14 -22.91 0.48
C THR A 13 11.11 -22.89 -0.70
N HIS A 14 11.31 -24.02 -1.41
CA HIS A 14 12.19 -24.06 -2.61
C HIS A 14 11.63 -23.22 -3.77
N LEU A 15 10.33 -22.88 -3.75
CA LEU A 15 9.69 -22.10 -4.85
C LEU A 15 9.76 -20.59 -4.59
N LEU A 16 10.18 -20.16 -3.40
CA LEU A 16 10.46 -18.72 -3.08
C LEU A 16 11.64 -18.24 -3.91
N SER A 17 11.62 -16.98 -4.32
CA SER A 17 12.77 -16.30 -4.95
C SER A 17 13.91 -16.21 -3.91
N ASN A 18 15.15 -16.23 -4.39
CA ASN A 18 16.35 -16.09 -3.53
C ASN A 18 16.23 -14.76 -2.76
N GLU A 19 15.69 -13.74 -3.42
CA GLU A 19 15.54 -12.39 -2.83
C GLU A 19 14.56 -12.48 -1.65
N SER A 20 13.45 -13.20 -1.82
CA SER A 20 12.42 -13.35 -0.75
C SER A 20 13.04 -14.12 0.43
N LYS A 21 13.71 -15.22 0.14
CA LYS A 21 14.37 -16.04 1.18
C LYS A 21 15.32 -15.18 2.03
N ALA A 22 16.03 -14.21 1.44
CA ALA A 22 17.08 -13.41 2.13
C ALA A 22 16.46 -12.29 2.99
N ARG A 23 15.16 -12.01 2.88
CA ARG A 23 14.55 -10.91 3.68
C ARG A 23 14.67 -11.26 5.17
N GLN A 24 14.87 -10.25 6.03
CA GLN A 24 15.02 -10.45 7.48
C GLN A 24 14.00 -9.62 8.24
N THR A 25 13.79 -9.95 9.52
CA THR A 25 13.10 -9.08 10.50
C THR A 25 14.01 -7.90 10.88
N SER A 26 13.42 -6.86 11.45
CA SER A 26 14.10 -5.66 11.99
C SER A 26 15.12 -6.07 13.05
N PRO A 27 16.35 -5.50 13.06
CA PRO A 27 17.26 -5.72 14.18
C PRO A 27 16.66 -5.34 15.55
N LEU A 28 15.59 -4.55 15.58
CA LEU A 28 14.92 -4.07 16.83
C LEU A 28 13.88 -5.09 17.34
N LYS A 29 13.76 -6.27 16.74
CA LYS A 29 12.98 -7.41 17.33
C LYS A 29 13.70 -7.88 18.61
N GLY A 30 15.03 -7.73 18.68
CA GLY A 30 15.89 -8.17 19.80
C GLY A 30 15.43 -7.60 21.14
N ILE A 31 14.58 -6.55 21.12
CA ILE A 31 14.13 -5.82 22.33
C ILE A 31 12.60 -5.80 22.43
N PHE A 32 11.84 -6.33 21.47
CA PHE A 32 10.35 -6.20 21.51
C PHE A 32 9.81 -6.93 22.75
N LYS A 33 10.42 -8.07 23.14
CA LYS A 33 9.97 -8.91 24.29
C LYS A 33 9.91 -8.08 25.60
N TYR A 34 10.78 -7.07 25.75
CA TYR A 34 10.86 -6.19 26.95
C TYR A 34 9.75 -5.13 26.92
N TYR A 35 9.07 -4.98 25.77
CA TYR A 35 8.16 -3.84 25.48
C TYR A 35 6.97 -3.82 26.45
N LYS A 36 6.41 -5.00 26.73
CA LYS A 36 5.27 -5.17 27.68
C LYS A 36 5.76 -5.11 29.14
N GLN A 37 6.95 -5.66 29.43
CA GLN A 37 7.36 -6.17 30.79
C GLN A 37 7.20 -5.10 31.86
N PRO A 38 6.52 -5.44 32.99
CA PRO A 38 6.55 -4.58 34.18
C PRO A 38 8.01 -4.53 34.67
N GLY A 39 8.40 -3.39 35.22
CA GLY A 39 9.75 -3.17 35.77
C GLY A 39 10.74 -2.64 34.75
N ILE A 40 10.42 -2.65 33.44
CA ILE A 40 11.32 -2.08 32.40
C ILE A 40 10.70 -0.79 31.88
N THR A 41 11.41 0.34 32.00
CA THR A 41 11.07 1.59 31.27
C THR A 41 11.64 1.47 29.86
N PHE A 42 10.76 1.28 28.88
CA PHE A 42 11.15 0.92 27.49
C PHE A 42 11.29 2.22 26.70
N LEU A 43 12.52 2.68 26.48
CA LEU A 43 12.82 3.91 25.69
C LEU A 43 13.47 3.53 24.35
N GLY A 44 13.39 2.27 23.94
CA GLY A 44 14.19 1.73 22.83
C GLY A 44 13.43 1.75 21.51
N GLY A 45 12.18 2.21 21.54
CA GLY A 45 11.23 2.19 20.41
C GLY A 45 11.02 3.56 19.78
N GLY A 46 10.11 3.64 18.79
CA GLY A 46 9.84 4.88 18.03
C GLY A 46 8.36 5.16 17.94
N LEU A 47 7.52 4.64 18.87
CA LEU A 47 6.04 4.74 18.72
C LEU A 47 5.57 6.11 19.22
N PRO A 48 4.95 6.95 18.35
CA PRO A 48 4.43 8.24 18.79
C PRO A 48 3.23 7.92 19.68
N LEU A 49 2.63 8.93 20.30
CA LEU A 49 1.77 8.68 21.48
C LEU A 49 0.31 8.84 21.09
N SER A 50 -0.47 7.80 21.39
CA SER A 50 -1.93 7.65 21.12
C SER A 50 -2.72 8.81 21.73
N ASP A 51 -2.22 9.41 22.82
CA ASP A 51 -2.81 10.62 23.47
C ASP A 51 -3.10 11.71 22.43
N TYR A 52 -2.23 11.91 21.45
CA TYR A 52 -2.37 13.03 20.48
C TYR A 52 -3.22 12.64 19.25
N PHE A 53 -3.51 11.36 19.00
CA PHE A 53 -4.28 11.00 17.78
C PHE A 53 -5.56 11.84 17.81
N PRO A 54 -5.78 12.74 16.84
CA PRO A 54 -6.96 13.63 16.87
C PRO A 54 -8.29 13.03 16.37
N PHE A 55 -8.59 11.82 16.80
CA PHE A 55 -9.81 11.07 16.41
C PHE A 55 -10.31 10.35 17.66
N GLU A 56 -11.37 10.90 18.26
CA GLU A 56 -11.99 10.40 19.51
C GLU A 56 -12.87 9.22 19.14
N LYS A 57 -13.39 9.24 17.93
CA LYS A 57 -14.47 8.36 17.45
C LYS A 57 -14.53 8.43 15.92
N VAL A 58 -14.87 7.31 15.29
CA VAL A 58 -15.31 7.27 13.86
C VAL A 58 -16.61 6.46 13.83
N THR A 59 -17.52 6.82 12.95
CA THR A 59 -18.79 6.09 12.83
C THR A 59 -19.08 5.87 11.36
N ALA A 60 -19.95 4.91 11.07
CA ALA A 60 -20.48 4.74 9.72
C ALA A 60 -21.92 4.28 9.83
N ASP A 61 -22.69 4.71 8.85
CA ASP A 61 -24.10 4.33 8.63
C ASP A 61 -24.10 3.27 7.54
N ILE A 62 -24.55 2.06 7.88
CA ILE A 62 -24.50 0.86 7.01
C ILE A 62 -25.90 0.24 6.89
N PRO A 63 -26.18 -0.52 5.82
CA PRO A 63 -27.47 -1.21 5.71
C PRO A 63 -27.58 -2.36 6.70
N THR A 64 -28.80 -2.92 6.82
CA THR A 64 -29.17 -3.84 7.92
C THR A 64 -29.55 -5.17 7.29
N PRO A 65 -28.95 -6.30 7.74
CA PRO A 65 -29.37 -7.62 7.30
C PRO A 65 -30.86 -7.80 7.63
N SER A 66 -31.61 -8.56 6.82
CA SER A 66 -31.07 -9.42 5.78
C SER A 66 -31.16 -8.76 4.39
N PHE A 67 -31.26 -7.43 4.32
CA PHE A 67 -31.19 -6.62 3.09
C PHE A 67 -32.36 -6.98 2.16
N SER A 68 -33.54 -7.19 2.78
CA SER A 68 -34.79 -7.67 2.13
C SER A 68 -35.23 -6.70 1.04
N GLY A 69 -34.94 -5.39 1.17
CA GLY A 69 -35.26 -4.39 0.15
C GLY A 69 -34.28 -4.42 -1.01
N GLY A 70 -33.26 -5.28 -0.95
CA GLY A 70 -32.16 -5.29 -1.94
C GLY A 70 -30.93 -4.57 -1.40
N ILE A 71 -29.73 -5.01 -1.75
CA ILE A 71 -28.46 -4.47 -1.16
C ILE A 71 -28.25 -2.99 -1.52
N GLY A 72 -28.88 -2.46 -2.58
CA GLY A 72 -28.81 -1.04 -2.97
C GLY A 72 -30.00 -0.19 -2.50
N ALA A 73 -30.81 -0.73 -1.61
CA ALA A 73 -31.94 -0.01 -0.98
C ALA A 73 -31.37 1.18 -0.21
N PRO A 74 -32.06 2.33 -0.13
CA PRO A 74 -31.54 3.49 0.60
C PRO A 74 -31.21 3.08 2.04
N ILE A 75 -30.06 3.54 2.52
CA ILE A 75 -29.56 3.29 3.90
C ILE A 75 -30.20 4.34 4.79
N GLU A 76 -31.40 4.05 5.24
CA GLU A 76 -32.25 5.00 6.02
C GLU A 76 -33.26 4.17 6.79
N GLY A 77 -33.86 4.73 7.83
CA GLY A 77 -34.87 4.02 8.64
C GLY A 77 -34.37 2.68 9.14
N GLU A 78 -35.19 1.63 9.02
CA GLU A 78 -34.85 0.28 9.53
C GLU A 78 -33.64 -0.31 8.77
N ASN A 79 -33.33 0.25 7.60
CA ASN A 79 -32.17 -0.19 6.77
C ASN A 79 -30.95 0.69 7.07
N LYS A 80 -30.86 1.28 8.29
CA LYS A 80 -29.69 2.09 8.71
C LYS A 80 -29.26 1.65 10.12
N THR A 81 -28.05 1.10 10.22
CA THR A 81 -27.36 0.83 11.51
C THR A 81 -26.14 1.76 11.60
N THR A 82 -25.91 2.35 12.76
CA THR A 82 -24.71 3.18 13.01
C THR A 82 -23.70 2.29 13.74
N ILE A 83 -22.52 2.09 13.16
CA ILE A 83 -21.39 1.41 13.86
C ILE A 83 -20.47 2.53 14.34
N GLU A 84 -19.92 2.35 15.53
CA GLU A 84 -19.06 3.36 16.19
C GLU A 84 -17.78 2.67 16.62
N VAL A 85 -16.63 3.31 16.35
CA VAL A 85 -15.33 2.88 16.89
C VAL A 85 -14.72 4.06 17.62
N PHE A 86 -14.72 3.96 18.95
CA PHE A 86 -14.17 4.97 19.86
C PHE A 86 -12.66 4.76 19.92
N LYS A 87 -11.93 5.80 20.30
CA LYS A 87 -10.48 5.74 20.57
C LYS A 87 -10.16 4.73 21.67
N LYS A 88 -10.94 4.73 22.76
CA LYS A 88 -10.70 3.91 23.98
C LYS A 88 -11.55 2.65 23.97
N ALA A 89 -10.90 1.53 24.25
CA ALA A 89 -11.52 0.18 24.29
C ALA A 89 -12.78 0.22 25.16
N ALA A 90 -12.71 0.90 26.30
CA ALA A 90 -13.79 0.90 27.32
C ALA A 90 -15.07 1.48 26.72
N ASP A 91 -14.96 2.30 25.66
CA ASP A 91 -16.09 3.06 25.09
C ASP A 91 -16.79 2.24 23.98
N ASN A 92 -16.24 1.07 23.61
CA ASN A 92 -16.75 0.28 22.46
C ASN A 92 -17.58 -0.93 22.92
N VAL A 93 -18.49 -1.35 22.06
CA VAL A 93 -19.09 -2.72 22.09
C VAL A 93 -17.96 -3.73 21.92
N PRO A 94 -18.18 -5.04 22.26
CA PRO A 94 -17.11 -6.02 22.19
C PRO A 94 -16.51 -6.16 20.78
N ASP A 95 -15.25 -6.60 20.76
CA ASP A 95 -14.59 -7.16 19.54
C ASP A 95 -14.22 -6.03 18.56
N GLN A 96 -14.15 -4.78 19.01
CA GLN A 96 -13.81 -3.63 18.13
C GLN A 96 -12.31 -3.36 18.19
N ILE A 97 -11.79 -2.68 17.17
CA ILE A 97 -10.36 -2.28 17.17
C ILE A 97 -10.32 -0.77 17.50
N GLU A 98 -10.32 -0.44 18.81
CA GLU A 98 -10.29 0.97 19.32
C GLU A 98 -9.23 1.76 18.57
N LEU A 99 -9.52 3.03 18.22
CA LEU A 99 -8.64 3.90 17.39
C LEU A 99 -7.27 4.08 18.05
N ALA A 100 -7.16 4.02 19.40
CA ALA A 100 -5.83 4.12 20.04
C ALA A 100 -4.93 2.99 19.53
N ARG A 101 -5.52 1.85 19.17
CA ARG A 101 -4.77 0.66 18.68
C ARG A 101 -4.84 0.59 17.14
N SER A 102 -6.03 0.79 16.53
CA SER A 102 -6.16 0.69 15.05
C SER A 102 -5.39 1.83 14.37
N LEU A 103 -5.20 2.98 15.02
CA LEU A 103 -4.44 4.11 14.37
C LEU A 103 -2.99 4.12 14.84
N GLN A 104 -2.55 3.10 15.60
CA GLN A 104 -1.13 2.92 16.00
C GLN A 104 -0.44 1.96 15.02
N TYR A 105 0.89 2.03 14.90
CA TYR A 105 1.65 0.99 14.18
C TYR A 105 1.28 -0.35 14.83
N GLY A 106 1.23 -1.42 14.05
CA GLY A 106 0.85 -2.75 14.57
C GLY A 106 1.49 -3.85 13.76
N SER A 107 1.27 -5.12 14.14
CA SER A 107 1.74 -6.30 13.39
C SER A 107 1.33 -6.12 11.92
N THR A 108 2.25 -6.34 11.00
CA THR A 108 1.97 -6.31 9.54
C THR A 108 1.14 -7.55 9.13
N PHE A 109 1.01 -8.57 9.99
CA PHE A 109 0.11 -9.72 9.72
C PHE A 109 -1.32 -9.19 9.57
N GLY A 110 -1.66 -8.21 10.40
CA GLY A 110 -2.99 -7.58 10.48
C GLY A 110 -3.48 -7.48 11.90
N LEU A 111 -4.53 -6.69 12.11
CA LEU A 111 -5.16 -6.53 13.45
C LEU A 111 -5.94 -7.77 13.82
N PRO A 112 -5.81 -8.28 15.06
CA PRO A 112 -6.29 -9.62 15.37
C PRO A 112 -7.80 -9.83 15.20
N GLU A 113 -8.66 -8.86 15.55
CA GLU A 113 -10.13 -9.02 15.46
C GLU A 113 -10.54 -9.21 14.00
N PHE A 114 -9.91 -8.45 13.11
CA PHE A 114 -10.21 -8.53 11.67
C PHE A 114 -9.72 -9.88 11.13
N LEU A 115 -8.49 -10.28 11.45
CA LEU A 115 -7.93 -11.56 10.92
C LEU A 115 -8.84 -12.70 11.38
N GLN A 116 -9.33 -12.62 12.62
CA GLN A 116 -10.15 -13.72 13.18
C GLN A 116 -11.41 -13.89 12.32
N PHE A 117 -12.15 -12.80 12.07
CA PHE A 117 -13.40 -12.79 11.28
C PHE A 117 -13.10 -13.38 9.88
N ILE A 118 -12.06 -12.88 9.25
CA ILE A 118 -11.81 -13.23 7.82
C ILE A 118 -11.29 -14.65 7.73
N LYS A 119 -10.58 -15.13 8.75
CA LYS A 119 -10.13 -16.54 8.74
C LYS A 119 -11.36 -17.45 8.88
N GLU A 120 -12.30 -17.11 9.78
CA GLU A 120 -13.57 -17.83 9.98
C GLU A 120 -14.35 -17.92 8.67
N HIS A 121 -14.47 -16.78 8.00
CA HIS A 121 -15.12 -16.68 6.68
C HIS A 121 -14.42 -17.62 5.69
N THR A 122 -13.10 -17.58 5.63
CA THR A 122 -12.30 -18.38 4.67
C THR A 122 -12.60 -19.87 4.89
N ASP A 123 -12.54 -20.35 6.13
CA ASP A 123 -12.74 -21.78 6.45
C ASP A 123 -14.19 -22.19 6.20
N MET A 124 -15.13 -21.32 6.58
CA MET A 124 -16.57 -21.53 6.41
C MET A 124 -16.89 -21.82 4.92
N VAL A 125 -16.29 -21.08 4.00
CA VAL A 125 -16.57 -21.20 2.54
C VAL A 125 -15.63 -22.24 1.92
N HIS A 126 -14.37 -22.29 2.33
CA HIS A 126 -13.37 -23.03 1.53
C HIS A 126 -12.87 -24.30 2.24
N LYS A 127 -13.06 -24.43 3.56
CA LYS A 127 -12.68 -25.69 4.28
C LYS A 127 -11.26 -26.08 3.89
N VAL A 128 -10.28 -25.25 4.22
CA VAL A 128 -8.87 -25.44 3.78
C VAL A 128 -8.43 -26.83 4.25
N PRO A 129 -7.95 -27.70 3.34
CA PRO A 129 -7.74 -29.11 3.67
C PRO A 129 -6.33 -29.54 4.15
N TYR A 130 -5.50 -28.60 4.57
CA TYR A 130 -4.24 -28.88 5.31
C TYR A 130 -4.25 -28.05 6.61
N GLU A 131 -3.44 -28.45 7.59
CA GLU A 131 -3.45 -27.84 8.94
C GLU A 131 -2.83 -26.44 8.95
N ASN A 132 -1.65 -26.26 8.36
CA ASN A 132 -0.76 -25.08 8.60
C ASN A 132 -1.06 -23.99 7.54
N TRP A 133 -2.31 -23.58 7.43
CA TRP A 133 -2.78 -22.50 6.52
C TRP A 133 -2.99 -21.26 7.37
N ASP A 134 -2.95 -20.08 6.76
CA ASP A 134 -3.30 -18.88 7.52
C ASP A 134 -3.79 -17.80 6.56
N VAL A 135 -4.14 -16.64 7.12
CA VAL A 135 -4.50 -15.43 6.34
C VAL A 135 -3.67 -14.26 6.86
N ILE A 136 -3.23 -13.40 5.95
CA ILE A 136 -2.58 -12.11 6.29
C ILE A 136 -3.34 -11.02 5.54
N VAL A 137 -3.21 -9.77 5.98
CA VAL A 137 -3.94 -8.67 5.33
C VAL A 137 -3.14 -8.23 4.11
N SER A 138 -3.84 -7.58 3.20
CA SER A 138 -3.27 -6.86 2.04
C SER A 138 -3.98 -5.52 1.93
N VAL A 139 -3.52 -4.69 1.01
CA VAL A 139 -4.22 -3.42 0.70
C VAL A 139 -4.93 -3.57 -0.64
N GLY A 140 -5.36 -4.81 -0.94
CA GLY A 140 -6.08 -5.16 -2.15
C GLY A 140 -5.29 -6.10 -3.02
N ASN A 141 -5.97 -6.64 -4.02
CA ASN A 141 -5.40 -7.70 -4.89
C ASN A 141 -4.35 -7.08 -5.82
N THR A 142 -4.45 -5.78 -6.16
CA THR A 142 -3.37 -5.07 -6.92
C THR A 142 -2.04 -5.24 -6.18
N GLU A 143 -2.01 -4.84 -4.92
CA GLU A 143 -0.79 -4.96 -4.07
C GLU A 143 -0.45 -6.44 -3.88
N ALA A 144 -1.42 -7.28 -3.55
CA ALA A 144 -1.11 -8.70 -3.23
C ALA A 144 -0.45 -9.36 -4.43
N TRP A 145 -0.89 -9.01 -5.64
CA TRP A 145 -0.28 -9.52 -6.90
C TRP A 145 1.16 -9.01 -7.08
N ASP A 146 1.40 -7.69 -6.94
CA ASP A 146 2.78 -7.13 -6.93
C ASP A 146 3.65 -7.92 -5.94
N SER A 147 3.11 -8.15 -4.74
CA SER A 147 3.85 -8.85 -3.67
C SER A 147 4.10 -10.31 -4.01
N THR A 148 3.17 -10.95 -4.73
CA THR A 148 3.29 -12.37 -5.14
C THR A 148 4.48 -12.50 -6.11
N LEU A 149 4.54 -11.63 -7.10
CA LEU A 149 5.67 -11.61 -8.06
C LEU A 149 7.01 -11.42 -7.32
N ARG A 150 7.01 -10.55 -6.30
CA ARG A 150 8.25 -10.20 -5.54
C ARG A 150 8.66 -11.35 -4.62
N THR A 151 7.72 -12.21 -4.22
CA THR A 151 7.91 -13.33 -3.27
C THR A 151 8.40 -14.58 -4.03
N PHE A 152 7.87 -14.85 -5.24
CA PHE A 152 8.09 -16.14 -5.94
C PHE A 152 8.92 -15.98 -7.21
N CYS A 153 9.25 -14.76 -7.67
CA CYS A 153 9.91 -14.56 -8.98
C CYS A 153 11.13 -13.64 -8.87
N SER A 154 12.22 -14.05 -9.53
CA SER A 154 13.42 -13.25 -9.87
C SER A 154 13.27 -12.78 -11.33
N LYS A 155 13.91 -11.68 -11.69
CA LYS A 155 14.02 -11.24 -13.09
C LYS A 155 14.41 -12.44 -13.98
N GLY A 156 13.71 -12.60 -15.10
CA GLY A 156 13.95 -13.67 -16.10
C GLY A 156 13.26 -14.99 -15.76
N ASP A 157 12.64 -15.11 -14.59
CA ASP A 157 11.78 -16.27 -14.27
C ASP A 157 10.54 -16.23 -15.17
N THR A 158 9.81 -17.35 -15.24
CA THR A 158 8.57 -17.52 -16.04
C THR A 158 7.38 -17.88 -15.14
N ILE A 159 6.25 -17.23 -15.40
CA ILE A 159 4.94 -17.62 -14.82
C ILE A 159 4.04 -17.99 -15.99
N LEU A 160 3.02 -18.78 -15.72
CA LEU A 160 1.95 -19.04 -16.71
C LEU A 160 0.76 -18.12 -16.43
N VAL A 161 0.20 -17.53 -17.48
CA VAL A 161 -1.01 -16.67 -17.39
C VAL A 161 -2.05 -17.17 -18.40
N GLU A 162 -3.32 -16.86 -18.15
CA GLU A 162 -4.41 -17.00 -19.15
C GLU A 162 -4.04 -16.20 -20.39
N GLU A 163 -4.30 -16.80 -21.55
CA GLU A 163 -4.01 -16.31 -22.92
C GLU A 163 -4.51 -14.88 -23.05
N TYR A 164 -5.68 -14.65 -22.46
CA TYR A 164 -6.31 -13.32 -22.36
C TYR A 164 -6.46 -13.03 -20.87
N THR A 165 -5.92 -11.91 -20.38
CA THR A 165 -5.92 -11.69 -18.91
C THR A 165 -5.83 -10.19 -18.60
N PHE A 166 -5.72 -9.87 -17.33
CA PHE A 166 -5.86 -8.51 -16.75
C PHE A 166 -4.59 -7.72 -17.05
N SER A 167 -4.74 -6.60 -17.76
CA SER A 167 -3.62 -5.75 -18.24
C SER A 167 -2.72 -5.30 -17.07
N SER A 168 -3.28 -4.92 -15.91
CA SER A 168 -2.48 -4.49 -14.74
C SER A 168 -1.63 -5.65 -14.23
N ALA A 169 -2.12 -6.89 -14.29
CA ALA A 169 -1.35 -8.05 -13.80
C ALA A 169 -0.15 -8.28 -14.72
N LEU A 170 -0.31 -8.13 -16.01
CA LEU A 170 0.82 -8.31 -16.98
C LEU A 170 1.80 -7.14 -16.81
N GLU A 171 1.29 -5.91 -16.63
CA GLU A 171 2.13 -4.69 -16.43
C GLU A 171 3.01 -4.88 -15.18
N SER A 172 2.45 -5.41 -14.10
CA SER A 172 3.20 -5.73 -12.86
C SER A 172 4.35 -6.70 -13.16
N ALA A 173 4.06 -7.82 -13.81
CA ALA A 173 5.08 -8.83 -14.19
C ALA A 173 6.11 -8.20 -15.14
N ASN A 174 5.68 -7.40 -16.11
CA ASN A 174 6.61 -6.74 -17.07
C ASN A 174 7.61 -5.86 -16.28
N GLY A 175 7.14 -5.10 -15.28
CA GLY A 175 8.01 -4.20 -14.51
C GLY A 175 9.02 -4.96 -13.69
N GLN A 176 8.76 -6.23 -13.41
CA GLN A 176 9.66 -7.06 -12.60
C GLN A 176 10.51 -7.97 -13.49
N GLY A 177 10.47 -7.80 -14.82
CA GLY A 177 11.18 -8.67 -15.77
C GLY A 177 10.77 -10.14 -15.70
N VAL A 178 9.52 -10.44 -15.34
CA VAL A 178 9.02 -11.83 -15.21
C VAL A 178 8.24 -12.16 -16.48
N ASN A 179 8.63 -13.22 -17.15
CA ASN A 179 8.07 -13.66 -18.45
C ASN A 179 6.66 -14.17 -18.17
N THR A 180 5.68 -13.73 -18.98
CA THR A 180 4.27 -14.21 -18.89
C THR A 180 3.95 -15.10 -20.11
N VAL A 181 4.04 -16.40 -19.91
CA VAL A 181 3.78 -17.40 -20.98
C VAL A 181 2.30 -17.73 -20.99
N PRO A 182 1.62 -17.49 -22.13
CA PRO A 182 0.17 -17.63 -22.23
C PRO A 182 -0.28 -19.09 -22.35
N VAL A 183 -1.34 -19.39 -21.60
CA VAL A 183 -1.95 -20.74 -21.53
C VAL A 183 -3.22 -20.69 -22.36
N THR A 184 -3.39 -21.65 -23.26
CA THR A 184 -4.51 -21.64 -24.24
C THR A 184 -5.86 -21.79 -23.54
N MET A 185 -6.84 -20.98 -23.95
CA MET A 185 -8.22 -20.99 -23.42
C MET A 185 -9.22 -21.34 -24.52
N ASP A 186 -10.40 -21.77 -24.09
CA ASP A 186 -11.63 -21.78 -24.91
C ASP A 186 -12.60 -20.87 -24.15
N GLU A 187 -13.87 -20.87 -24.52
CA GLU A 187 -14.83 -19.90 -23.97
C GLU A 187 -15.08 -20.23 -22.50
N PHE A 188 -14.61 -21.38 -22.01
CA PHE A 188 -14.83 -21.80 -20.62
C PHE A 188 -13.57 -21.66 -19.75
N GLY A 189 -12.48 -21.18 -20.33
CA GLY A 189 -11.25 -20.87 -19.60
C GLY A 189 -10.08 -21.73 -20.06
N ILE A 190 -9.04 -21.78 -19.24
CA ILE A 190 -7.85 -22.65 -19.46
C ILE A 190 -8.35 -24.04 -19.89
N ILE A 191 -7.74 -24.58 -20.94
CA ILE A 191 -7.99 -25.98 -21.41
C ILE A 191 -6.94 -26.84 -20.73
N PRO A 192 -7.30 -27.65 -19.71
CA PRO A 192 -6.28 -28.35 -18.94
C PRO A 192 -5.38 -29.26 -19.79
N GLU A 193 -5.98 -29.99 -20.73
CA GLU A 193 -5.22 -30.95 -21.56
C GLU A 193 -4.07 -30.25 -22.26
N LYS A 194 -4.25 -29.03 -22.76
CA LYS A 194 -3.17 -28.28 -23.45
C LYS A 194 -2.14 -27.76 -22.43
N LEU A 195 -2.57 -27.42 -21.21
CA LEU A 195 -1.59 -27.03 -20.15
C LEU A 195 -0.71 -28.24 -19.81
N GLU A 196 -1.30 -29.43 -19.67
CA GLU A 196 -0.55 -30.65 -19.30
C GLU A 196 0.49 -30.91 -20.39
N GLU A 197 0.07 -30.76 -21.64
CA GLU A 197 0.94 -30.97 -22.82
C GLU A 197 2.08 -29.95 -22.76
N LEU A 198 1.78 -28.66 -22.56
CA LEU A 198 2.80 -27.57 -22.49
C LEU A 198 3.83 -27.95 -21.43
N MET A 199 3.36 -28.43 -20.27
CA MET A 199 4.23 -28.78 -19.12
C MET A 199 5.03 -30.06 -19.42
N SER A 200 4.42 -31.06 -20.08
CA SER A 200 5.08 -32.33 -20.43
C SER A 200 6.30 -32.06 -21.31
N ARG A 201 6.26 -31.02 -22.16
CA ARG A 201 7.32 -30.66 -23.14
C ARG A 201 8.26 -29.59 -22.57
N TRP A 202 8.07 -29.18 -21.31
CA TRP A 202 8.74 -27.95 -20.81
C TRP A 202 10.26 -28.14 -20.82
N VAL A 203 10.98 -27.22 -21.43
CA VAL A 203 12.47 -27.16 -21.42
C VAL A 203 12.93 -25.98 -20.54
N GLY A 204 13.95 -26.21 -19.71
CA GLY A 204 14.58 -25.16 -18.88
C GLY A 204 13.89 -25.06 -17.53
N ASN A 205 14.15 -23.99 -16.79
CA ASN A 205 13.60 -23.89 -15.42
C ASN A 205 12.07 -23.86 -15.53
N LYS A 206 11.38 -24.68 -14.74
CA LYS A 206 9.91 -24.74 -14.59
C LYS A 206 9.38 -23.34 -14.30
N PRO A 207 8.14 -23.07 -14.74
CA PRO A 207 7.45 -21.84 -14.37
C PRO A 207 7.25 -21.91 -12.86
N LYS A 208 7.25 -20.74 -12.19
CA LYS A 208 7.13 -20.65 -10.73
C LYS A 208 5.69 -20.96 -10.34
N PHE A 209 4.74 -20.46 -11.12
CA PHE A 209 3.31 -20.60 -10.82
C PHE A 209 2.46 -20.28 -12.04
N LEU A 210 1.18 -20.60 -11.88
CA LEU A 210 0.07 -20.23 -12.77
C LEU A 210 -0.75 -19.16 -12.10
N TYR A 211 -0.98 -18.04 -12.80
CA TYR A 211 -1.84 -16.90 -12.39
C TYR A 211 -3.19 -17.09 -13.08
N THR A 212 -4.26 -17.24 -12.31
CA THR A 212 -5.60 -17.52 -12.87
C THR A 212 -6.60 -16.62 -12.16
N ILE A 213 -7.39 -15.91 -12.95
CA ILE A 213 -8.61 -15.20 -12.45
C ILE A 213 -9.74 -16.18 -12.69
N CYS A 214 -9.84 -17.22 -11.87
CA CYS A 214 -10.58 -18.42 -12.31
C CYS A 214 -12.11 -18.23 -12.26
N THR A 215 -12.67 -17.33 -11.44
CA THR A 215 -14.12 -17.09 -11.36
C THR A 215 -14.42 -15.72 -11.97
N GLY A 216 -15.17 -15.62 -13.05
CA GLY A 216 -15.48 -14.31 -13.68
C GLY A 216 -14.24 -13.72 -14.33
N GLN A 217 -13.51 -14.56 -15.04
CA GLN A 217 -12.19 -14.28 -15.60
C GLN A 217 -12.25 -12.95 -16.38
N ASN A 218 -11.28 -12.09 -16.14
CA ASN A 218 -11.15 -10.81 -16.88
C ASN A 218 -10.16 -11.06 -18.00
N PRO A 219 -10.51 -10.95 -19.30
CA PRO A 219 -11.77 -10.41 -19.83
C PRO A 219 -12.85 -11.39 -20.37
N THR A 220 -12.61 -12.69 -20.32
CA THR A 220 -13.42 -13.71 -21.04
C THR A 220 -14.79 -13.90 -20.38
N GLY A 221 -14.94 -13.56 -19.11
CA GLY A 221 -16.18 -13.81 -18.37
C GLY A 221 -16.39 -15.29 -18.11
N SER A 222 -15.36 -16.11 -18.28
CA SER A 222 -15.43 -17.56 -18.08
C SER A 222 -15.20 -17.85 -16.62
N SER A 223 -15.59 -19.04 -16.16
CA SER A 223 -15.28 -19.51 -14.80
C SER A 223 -14.90 -20.98 -14.91
N LEU A 224 -13.75 -21.34 -14.39
CA LEU A 224 -13.33 -22.75 -14.50
C LEU A 224 -14.33 -23.61 -13.75
N SER A 225 -14.79 -24.68 -14.38
CA SER A 225 -15.60 -25.74 -13.75
C SER A 225 -14.83 -26.43 -12.63
N ALA A 226 -15.56 -27.07 -11.71
CA ALA A 226 -14.99 -27.92 -10.64
C ALA A 226 -14.01 -28.89 -11.31
N GLU A 227 -14.43 -29.49 -12.41
N GLU A 227 -14.43 -29.48 -12.43
CA GLU A 227 -13.66 -30.55 -13.12
C GLU A 227 -12.35 -29.94 -13.63
C GLU A 227 -12.35 -29.98 -13.69
N ARG A 228 -12.39 -28.82 -14.34
CA ARG A 228 -11.14 -28.17 -14.84
C ARG A 228 -10.23 -27.82 -13.66
N ARG A 229 -10.75 -27.34 -12.54
CA ARG A 229 -9.90 -26.93 -11.39
C ARG A 229 -9.17 -28.17 -10.86
N LYS A 230 -9.88 -29.29 -10.81
CA LYS A 230 -9.27 -30.56 -10.37
C LYS A 230 -8.16 -30.95 -11.32
N GLN A 231 -8.39 -30.86 -12.62
CA GLN A 231 -7.40 -31.27 -13.66
C GLN A 231 -6.18 -30.34 -13.52
N ILE A 232 -6.42 -29.05 -13.38
CA ILE A 232 -5.33 -28.03 -13.28
C ILE A 232 -4.55 -28.25 -11.97
N TYR A 233 -5.24 -28.50 -10.88
CA TYR A 233 -4.58 -28.78 -9.58
C TYR A 233 -3.60 -29.97 -9.75
N ASP A 234 -4.06 -31.06 -10.37
CA ASP A 234 -3.23 -32.27 -10.63
C ASP A 234 -1.97 -31.88 -11.40
N ILE A 235 -2.07 -30.96 -12.37
CA ILE A 235 -0.90 -30.56 -13.20
C ILE A 235 0.08 -29.80 -12.30
N ALA A 236 -0.44 -28.86 -11.49
CA ALA A 236 0.38 -28.05 -10.55
C ALA A 236 1.13 -28.96 -9.59
N CYS A 237 0.51 -30.04 -9.08
CA CYS A 237 1.17 -31.03 -8.17
C CYS A 237 2.21 -31.84 -8.95
N LYS A 238 1.85 -32.33 -10.12
CA LYS A 238 2.72 -33.19 -10.98
C LYS A 238 4.03 -32.48 -11.32
N TYR A 239 3.97 -31.21 -11.75
CA TYR A 239 5.15 -30.42 -12.22
C TYR A 239 5.68 -29.47 -11.13
N ASP A 240 5.07 -29.49 -9.93
CA ASP A 240 5.46 -28.72 -8.72
C ASP A 240 5.52 -27.21 -9.02
N PHE A 241 4.40 -26.59 -9.38
CA PHE A 241 4.33 -25.11 -9.46
C PHE A 241 3.16 -24.70 -8.57
N LEU A 242 3.12 -23.42 -8.22
CA LEU A 242 2.04 -22.88 -7.38
C LEU A 242 0.87 -22.49 -8.29
N ILE A 243 -0.30 -22.39 -7.69
CA ILE A 243 -1.46 -21.72 -8.32
C ILE A 243 -1.76 -20.45 -7.52
N ILE A 244 -1.76 -19.32 -8.23
CA ILE A 244 -2.15 -18.02 -7.63
C ILE A 244 -3.56 -17.72 -8.14
N GLU A 245 -4.56 -17.85 -7.29
CA GLU A 245 -5.94 -17.58 -7.70
C GLU A 245 -6.28 -16.16 -7.28
N ASP A 246 -6.39 -15.25 -8.26
CA ASP A 246 -6.67 -13.82 -8.04
C ASP A 246 -8.18 -13.70 -8.20
N GLU A 247 -8.90 -13.59 -7.08
CA GLU A 247 -10.33 -13.96 -7.01
C GLU A 247 -11.20 -12.84 -6.48
N PRO A 248 -11.04 -11.60 -6.98
CA PRO A 248 -11.88 -10.48 -6.53
C PRO A 248 -13.36 -10.65 -6.91
N TYR A 249 -13.66 -11.49 -7.90
CA TYR A 249 -15.04 -11.67 -8.42
C TYR A 249 -15.65 -12.97 -7.90
N TYR A 250 -15.08 -13.61 -6.89
CA TYR A 250 -15.59 -14.92 -6.40
C TYR A 250 -17.06 -14.80 -6.00
N PHE A 251 -17.45 -13.72 -5.35
CA PHE A 251 -18.82 -13.56 -4.82
C PHE A 251 -19.69 -12.85 -5.86
N LEU A 252 -19.25 -12.77 -7.13
CA LEU A 252 -20.16 -12.38 -8.25
C LEU A 252 -20.55 -13.63 -9.03
N GLN A 253 -20.46 -14.80 -8.41
CA GLN A 253 -21.12 -16.02 -8.95
C GLN A 253 -22.61 -15.75 -9.02
N MET A 254 -23.23 -16.34 -10.03
CA MET A 254 -24.63 -16.13 -10.36
C MET A 254 -25.30 -17.48 -10.61
N GLU A 255 -26.63 -17.43 -10.66
CA GLU A 255 -27.45 -18.57 -11.09
C GLU A 255 -27.11 -18.84 -12.56
N THR A 256 -27.16 -20.11 -12.96
CA THR A 256 -26.94 -20.52 -14.38
C THR A 256 -27.97 -19.79 -15.23
N TYR A 257 -27.58 -19.27 -16.38
CA TYR A 257 -28.50 -18.54 -17.30
C TYR A 257 -29.48 -19.55 -17.89
N THR A 258 -30.75 -19.17 -17.98
CA THR A 258 -31.74 -19.90 -18.83
C THR A 258 -32.47 -18.84 -19.65
N LYS A 259 -32.77 -19.14 -20.91
CA LYS A 259 -33.62 -18.30 -21.80
C LYS A 259 -35.03 -18.17 -21.19
N ASP A 260 -35.45 -19.21 -20.45
CA ASP A 260 -36.83 -19.38 -19.91
C ASP A 260 -37.05 -18.46 -18.70
N LYS A 261 -37.59 -17.27 -18.93
CA LYS A 261 -37.76 -16.24 -17.88
C LYS A 261 -38.53 -16.80 -16.68
N ALA A 262 -39.47 -17.72 -16.92
CA ALA A 262 -40.41 -18.25 -15.89
C ALA A 262 -39.66 -19.22 -14.98
N ALA A 263 -38.58 -19.82 -15.48
CA ALA A 263 -37.77 -20.78 -14.71
C ALA A 263 -36.83 -20.06 -13.75
N ARG A 264 -36.65 -18.73 -13.83
CA ARG A 264 -35.48 -18.07 -13.17
C ARG A 264 -35.63 -18.10 -11.64
N GLU A 265 -36.81 -17.75 -11.10
CA GLU A 265 -36.97 -17.54 -9.65
C GLU A 265 -36.81 -18.86 -8.90
N GLY A 266 -37.36 -19.93 -9.45
CA GLY A 266 -37.40 -21.27 -8.83
C GLY A 266 -36.03 -21.82 -8.56
N LYS A 267 -35.07 -21.59 -9.46
CA LYS A 267 -33.72 -22.18 -9.34
C LYS A 267 -32.75 -21.21 -8.63
N ALA A 268 -33.19 -20.00 -8.24
CA ALA A 268 -32.39 -19.02 -7.46
C ALA A 268 -32.13 -19.51 -6.02
N VAL A 269 -30.91 -19.32 -5.49
CA VAL A 269 -30.67 -19.64 -4.06
C VAL A 269 -31.46 -18.63 -3.23
N HIS A 270 -32.03 -19.11 -2.13
CA HIS A 270 -32.77 -18.30 -1.14
C HIS A 270 -32.03 -18.38 0.20
N ASP A 271 -31.51 -19.56 0.53
CA ASP A 271 -31.03 -19.91 1.89
C ASP A 271 -29.49 -20.00 1.92
N HIS A 272 -28.95 -19.86 3.13
CA HIS A 272 -27.49 -19.93 3.39
C HIS A 272 -26.94 -21.28 2.96
N ASP A 273 -27.63 -22.39 3.26
CA ASP A 273 -27.16 -23.76 2.95
C ASP A 273 -27.08 -23.93 1.43
N GLU A 274 -28.10 -23.48 0.70
CA GLU A 274 -28.16 -23.56 -0.79
C GLU A 274 -27.01 -22.72 -1.38
N PHE A 275 -26.79 -21.56 -0.81
CA PHE A 275 -25.72 -20.61 -1.23
C PHE A 275 -24.36 -21.29 -1.14
N LEU A 276 -24.01 -21.84 0.02
CA LEU A 276 -22.67 -22.45 0.21
C LEU A 276 -22.53 -23.65 -0.73
N LYS A 277 -23.62 -24.36 -1.04
CA LYS A 277 -23.58 -25.55 -1.94
C LYS A 277 -23.37 -25.09 -3.38
N ALA A 278 -23.87 -23.93 -3.74
CA ALA A 278 -23.88 -23.46 -5.15
C ALA A 278 -22.49 -22.95 -5.55
N LEU A 279 -21.64 -22.52 -4.61
CA LEU A 279 -20.36 -21.85 -4.94
C LEU A 279 -19.39 -22.86 -5.57
N VAL A 280 -18.70 -22.45 -6.63
CA VAL A 280 -17.66 -23.31 -7.25
C VAL A 280 -16.56 -23.52 -6.23
N PRO A 281 -16.00 -24.75 -6.13
CA PRO A 281 -14.84 -24.97 -5.30
C PRO A 281 -13.68 -24.07 -5.72
N SER A 282 -13.08 -23.43 -4.71
CA SER A 282 -11.85 -22.61 -4.88
C SER A 282 -10.68 -23.57 -5.08
N PHE A 283 -9.57 -23.09 -5.64
CA PHE A 283 -8.33 -23.89 -5.62
C PHE A 283 -7.88 -24.09 -4.17
N ILE A 284 -8.14 -23.15 -3.25
CA ILE A 284 -7.67 -23.44 -1.86
CA ILE A 284 -7.81 -23.33 -1.79
C ILE A 284 -8.48 -24.62 -1.32
N SER A 285 -9.76 -24.80 -1.68
CA SER A 285 -10.57 -25.93 -1.15
C SER A 285 -9.98 -27.27 -1.61
N LEU A 286 -9.28 -27.29 -2.74
CA LEU A 286 -8.69 -28.51 -3.35
C LEU A 286 -7.27 -28.70 -2.86
N ASP A 287 -6.69 -27.72 -2.12
CA ASP A 287 -5.22 -27.54 -2.00
C ASP A 287 -4.64 -28.44 -0.92
N VAL A 288 -4.75 -29.76 -1.07
CA VAL A 288 -4.28 -30.70 0.00
C VAL A 288 -2.77 -30.51 0.19
N GLU A 289 -2.02 -30.05 -0.82
CA GLU A 289 -0.53 -29.87 -0.78
C GLU A 289 -0.11 -28.46 -0.29
N GLY A 290 -1.00 -27.47 -0.20
CA GLY A 290 -0.60 -26.13 0.24
C GLY A 290 0.16 -25.35 -0.83
N ARG A 291 -0.10 -25.59 -2.11
CA ARG A 291 0.62 -24.93 -3.23
C ARG A 291 -0.28 -23.84 -3.85
N VAL A 292 -1.37 -23.50 -3.19
CA VAL A 292 -2.26 -22.42 -3.71
C VAL A 292 -2.09 -21.19 -2.81
N VAL A 293 -2.00 -20.01 -3.43
CA VAL A 293 -2.12 -18.71 -2.73
C VAL A 293 -3.33 -18.03 -3.33
N ARG A 294 -4.25 -17.62 -2.49
CA ARG A 294 -5.48 -16.94 -2.89
C ARG A 294 -5.39 -15.45 -2.55
N LEU A 295 -5.70 -14.62 -3.52
CA LEU A 295 -5.78 -13.17 -3.33
C LEU A 295 -7.25 -12.80 -3.26
N ASP A 296 -7.67 -12.40 -2.07
CA ASP A 296 -9.07 -12.01 -1.75
C ASP A 296 -9.16 -10.51 -1.52
N SER A 297 -10.25 -9.91 -1.93
CA SER A 297 -10.45 -8.45 -1.78
C SER A 297 -11.91 -8.13 -1.44
N PHE A 298 -12.09 -7.02 -0.77
CA PHE A 298 -13.42 -6.43 -0.53
C PHE A 298 -13.84 -5.51 -1.67
N SER A 299 -12.99 -5.24 -2.67
CA SER A 299 -13.28 -4.17 -3.67
C SER A 299 -14.60 -4.37 -4.40
N LYS A 300 -14.93 -5.60 -4.82
CA LYS A 300 -16.14 -5.85 -5.64
C LYS A 300 -17.33 -6.24 -4.76
N VAL A 301 -17.12 -6.36 -3.44
CA VAL A 301 -18.16 -6.79 -2.48
C VAL A 301 -18.60 -5.58 -1.64
N LEU A 302 -17.67 -4.84 -1.05
CA LEU A 302 -18.03 -3.64 -0.25
C LEU A 302 -17.76 -2.40 -1.11
N ALA A 303 -16.50 -2.03 -1.34
CA ALA A 303 -16.16 -0.85 -2.15
C ALA A 303 -14.65 -0.87 -2.39
N PRO A 304 -14.23 -0.47 -3.61
CA PRO A 304 -12.82 -0.40 -3.97
C PRO A 304 -11.94 0.40 -3.01
N GLY A 305 -12.53 1.48 -2.47
CA GLY A 305 -11.83 2.44 -1.62
C GLY A 305 -11.45 1.90 -0.26
N LEU A 306 -11.91 0.72 0.15
CA LEU A 306 -11.43 0.09 1.40
C LEU A 306 -9.90 -0.10 1.33
N ARG A 307 -9.38 -0.42 0.15
CA ARG A 307 -7.96 -0.83 -0.02
C ARG A 307 -7.65 -1.85 1.07
N LEU A 308 -8.44 -2.90 1.09
CA LEU A 308 -8.32 -3.95 2.12
C LEU A 308 -8.68 -5.28 1.49
N GLY A 309 -7.78 -6.25 1.64
CA GLY A 309 -8.02 -7.61 1.17
C GLY A 309 -7.20 -8.52 2.03
N TRP A 310 -7.04 -9.75 1.61
CA TRP A 310 -6.21 -10.68 2.42
C TRP A 310 -5.64 -11.73 1.50
N ILE A 311 -4.69 -12.46 2.01
CA ILE A 311 -4.00 -13.52 1.24
C ILE A 311 -4.13 -14.81 2.02
N VAL A 312 -4.54 -15.89 1.38
CA VAL A 312 -4.70 -17.21 2.02
C VAL A 312 -3.60 -18.13 1.46
N GLY A 313 -2.90 -18.84 2.35
CA GLY A 313 -1.90 -19.82 1.91
C GLY A 313 -1.18 -20.39 3.10
N GLN A 314 -0.13 -21.16 2.85
CA GLN A 314 0.54 -21.89 3.95
C GLN A 314 1.40 -20.88 4.74
N LYS A 315 1.51 -21.10 6.05
CA LYS A 315 2.14 -20.16 7.03
C LYS A 315 3.52 -19.74 6.60
N ASP A 316 4.37 -20.67 6.16
CA ASP A 316 5.78 -20.35 5.88
C ASP A 316 5.88 -19.48 4.62
N LEU A 317 4.96 -19.58 3.66
CA LEU A 317 5.01 -18.71 2.47
C LEU A 317 4.43 -17.33 2.85
N LEU A 318 3.37 -17.30 3.66
CA LEU A 318 2.73 -16.05 4.10
C LEU A 318 3.72 -15.24 4.94
N GLU A 319 4.58 -15.89 5.74
CA GLU A 319 5.57 -15.14 6.57
C GLU A 319 6.46 -14.31 5.66
N ARG A 320 6.80 -14.77 4.46
CA ARG A 320 7.66 -14.05 3.50
C ARG A 320 6.92 -12.85 2.91
N TYR A 321 5.63 -12.96 2.65
CA TYR A 321 4.79 -11.79 2.27
C TYR A 321 4.83 -10.73 3.38
N VAL A 322 4.76 -11.17 4.64
CA VAL A 322 4.77 -10.24 5.79
C VAL A 322 6.13 -9.50 5.86
N ARG A 323 7.26 -10.21 5.73
CA ARG A 323 8.60 -9.56 5.68
C ARG A 323 8.56 -8.47 4.60
N LEU A 324 8.01 -8.78 3.42
CA LEU A 324 7.95 -7.84 2.28
C LEU A 324 7.06 -6.66 2.70
N HIS A 325 5.85 -6.95 3.18
CA HIS A 325 4.83 -5.93 3.56
C HIS A 325 5.41 -4.95 4.57
N GLU A 326 6.26 -5.43 5.50
CA GLU A 326 6.85 -4.57 6.55
C GLU A 326 7.65 -3.43 5.95
N VAL A 327 8.27 -3.60 4.78
CA VAL A 327 9.11 -2.54 4.18
C VAL A 327 8.51 -2.04 2.85
N SER A 328 7.31 -2.48 2.47
CA SER A 328 6.57 -1.97 1.30
C SER A 328 5.32 -1.27 1.83
N VAL A 329 4.20 -1.92 2.06
CA VAL A 329 2.98 -1.11 2.35
C VAL A 329 2.79 -0.84 3.83
N GLN A 330 3.46 -1.62 4.69
CA GLN A 330 3.49 -1.50 6.17
C GLN A 330 2.20 -2.09 6.73
N ASN A 331 1.03 -1.57 6.34
CA ASN A 331 -0.27 -2.07 6.82
C ASN A 331 -1.39 -1.33 6.09
N PRO A 332 -2.58 -1.95 6.03
CA PRO A 332 -3.76 -1.23 5.54
C PRO A 332 -4.06 -0.10 6.51
N SER A 333 -4.76 0.90 6.00
CA SER A 333 -5.39 1.98 6.78
C SER A 333 -6.11 1.36 7.96
N GLY A 334 -5.85 1.90 9.15
CA GLY A 334 -6.52 1.49 10.38
C GLY A 334 -7.97 1.91 10.36
N PHE A 335 -8.33 2.96 9.63
CA PHE A 335 -9.75 3.34 9.39
C PHE A 335 -10.42 2.21 8.60
N SER A 336 -9.81 1.79 7.50
CA SER A 336 -10.37 0.72 6.65
C SER A 336 -10.54 -0.55 7.50
N GLU A 337 -9.50 -0.93 8.22
CA GLU A 337 -9.49 -2.20 8.96
C GLU A 337 -10.50 -2.12 10.12
N ALA A 338 -10.54 -1.02 10.87
CA ALA A 338 -11.44 -0.88 12.04
C ALA A 338 -12.91 -0.81 11.59
N LEU A 339 -13.19 -0.10 10.50
CA LEU A 339 -14.56 -0.01 9.96
C LEU A 339 -14.99 -1.32 9.33
N ALA A 340 -14.12 -2.04 8.60
CA ALA A 340 -14.53 -3.33 8.00
C ALA A 340 -14.79 -4.34 9.13
N ASN A 341 -13.91 -4.38 10.12
CA ASN A 341 -14.09 -5.24 11.32
C ASN A 341 -15.45 -4.93 11.96
N ALA A 342 -15.82 -3.65 12.10
CA ALA A 342 -17.09 -3.24 12.77
C ALA A 342 -18.31 -3.66 11.94
N LEU A 343 -18.32 -3.36 10.64
CA LEU A 343 -19.40 -3.74 9.72
C LEU A 343 -19.56 -5.27 9.73
N LEU A 344 -18.48 -6.02 9.53
CA LEU A 344 -18.57 -7.49 9.39
C LEU A 344 -19.07 -8.12 10.70
N ARG A 345 -18.62 -7.63 11.85
CA ARG A 345 -19.07 -8.14 13.19
C ARG A 345 -20.48 -7.70 13.54
N LYS A 346 -20.91 -6.52 13.08
CA LYS A 346 -22.29 -6.03 13.29
C LYS A 346 -23.26 -6.88 12.45
N TRP A 347 -22.90 -7.17 11.21
CA TRP A 347 -23.69 -8.08 10.37
C TRP A 347 -23.58 -9.51 10.87
N GLY A 348 -22.39 -9.89 11.34
CA GLY A 348 -21.99 -11.27 11.63
C GLY A 348 -21.80 -12.06 10.35
N HIS A 349 -21.26 -13.28 10.47
CA HIS A 349 -21.19 -14.26 9.38
C HIS A 349 -22.56 -14.41 8.73
N SER A 350 -23.65 -14.41 9.52
CA SER A 350 -25.01 -14.56 8.97
C SER A 350 -25.39 -13.36 8.09
N GLY A 351 -25.15 -12.14 8.56
CA GLY A 351 -25.42 -10.91 7.78
C GLY A 351 -24.50 -10.84 6.55
N TYR A 352 -23.25 -11.25 6.69
CA TYR A 352 -22.30 -11.19 5.55
C TYR A 352 -22.79 -12.14 4.45
N LEU A 353 -23.21 -13.34 4.82
CA LEU A 353 -23.79 -14.30 3.84
C LEU A 353 -25.06 -13.68 3.23
N ASP A 354 -25.91 -13.04 4.03
CA ASP A 354 -27.11 -12.34 3.51
C ASP A 354 -26.66 -11.37 2.40
N TRP A 355 -25.63 -10.56 2.69
CA TRP A 355 -25.09 -9.55 1.74
C TRP A 355 -24.63 -10.23 0.44
N LEU A 356 -23.87 -11.31 0.55
CA LEU A 356 -23.28 -12.01 -0.62
C LEU A 356 -24.42 -12.66 -1.43
N ILE A 357 -25.50 -13.09 -0.77
CA ILE A 357 -26.69 -13.67 -1.45
C ILE A 357 -27.43 -12.54 -2.18
N GLY A 358 -27.48 -11.33 -1.60
CA GLY A 358 -28.06 -10.15 -2.29
C GLY A 358 -27.23 -9.79 -3.53
N LEU A 359 -25.91 -9.72 -3.37
CA LEU A 359 -24.95 -9.47 -4.48
C LEU A 359 -25.19 -10.50 -5.59
N ARG A 360 -25.27 -11.80 -5.25
CA ARG A 360 -25.56 -12.88 -6.22
C ARG A 360 -26.83 -12.54 -7.02
N ALA A 361 -27.90 -12.16 -6.33
CA ALA A 361 -29.21 -11.93 -6.97
C ALA A 361 -29.07 -10.72 -7.89
N GLU A 362 -28.43 -9.62 -7.44
CA GLU A 362 -28.33 -8.37 -8.22
C GLU A 362 -27.56 -8.69 -9.51
N TYR A 363 -26.46 -9.42 -9.40
CA TYR A 363 -25.60 -9.70 -10.58
C TYR A 363 -26.31 -10.68 -11.50
N THR A 364 -26.97 -11.69 -10.94
CA THR A 364 -27.77 -12.66 -11.73
C THR A 364 -28.71 -11.87 -12.65
N HIS A 365 -29.45 -10.91 -12.11
CA HIS A 365 -30.43 -10.13 -12.90
C HIS A 365 -29.72 -9.29 -13.97
N LYS A 366 -28.62 -8.62 -13.64
CA LYS A 366 -27.88 -7.79 -14.61
C LYS A 366 -27.44 -8.64 -15.79
N ARG A 367 -26.89 -9.83 -15.50
CA ARG A 367 -26.40 -10.77 -16.53
C ARG A 367 -27.58 -11.23 -17.40
N ASP A 368 -28.71 -11.59 -16.78
CA ASP A 368 -29.94 -12.01 -17.48
C ASP A 368 -30.33 -10.92 -18.47
N VAL A 369 -30.35 -9.67 -18.05
CA VAL A 369 -30.75 -8.55 -18.95
C VAL A 369 -29.73 -8.43 -20.09
N ALA A 370 -28.43 -8.50 -19.80
CA ALA A 370 -27.37 -8.36 -20.82
C ALA A 370 -27.49 -9.47 -21.86
N ILE A 371 -27.57 -10.72 -21.40
CA ILE A 371 -27.60 -11.90 -22.30
C ILE A 371 -28.93 -11.92 -23.07
N ASP A 372 -30.05 -11.53 -22.46
CA ASP A 372 -31.34 -11.44 -23.19
C ASP A 372 -31.16 -10.43 -24.33
N ALA A 373 -30.48 -9.31 -24.08
CA ALA A 373 -30.28 -8.26 -25.12
C ALA A 373 -29.28 -8.73 -26.20
N LEU A 374 -28.23 -9.48 -25.85
CA LEU A 374 -27.30 -10.03 -26.87
C LEU A 374 -28.08 -10.98 -27.78
N ASP A 375 -28.91 -11.82 -27.17
CA ASP A 375 -29.77 -12.80 -27.88
C ASP A 375 -30.70 -12.05 -28.85
N GLN A 376 -31.30 -10.96 -28.38
CA GLN A 376 -32.26 -10.16 -29.16
C GLN A 376 -31.58 -9.43 -30.32
N PHE A 377 -30.43 -8.77 -30.11
CA PHE A 377 -29.95 -7.70 -31.02
C PHE A 377 -28.71 -8.06 -31.82
N VAL A 378 -27.87 -9.01 -31.38
CA VAL A 378 -26.64 -9.31 -32.15
C VAL A 378 -26.94 -10.35 -33.21
N PRO A 379 -26.58 -10.10 -34.49
CA PRO A 379 -26.83 -11.07 -35.54
C PRO A 379 -26.12 -12.41 -35.32
N LYS A 380 -26.91 -13.48 -35.32
CA LYS A 380 -26.41 -14.83 -34.97
C LYS A 380 -25.56 -15.41 -36.09
N GLU A 381 -25.69 -14.88 -37.29
CA GLU A 381 -24.98 -15.39 -38.49
C GLU A 381 -23.46 -15.38 -38.32
N VAL A 382 -22.94 -14.37 -37.59
CA VAL A 382 -21.50 -14.08 -37.49
C VAL A 382 -21.03 -14.04 -36.04
N SER A 383 -21.90 -14.31 -35.08
CA SER A 383 -21.62 -14.06 -33.64
C SER A 383 -21.94 -15.31 -32.80
N SER A 384 -21.33 -15.38 -31.63
CA SER A 384 -21.75 -16.34 -30.57
C SER A 384 -21.50 -15.68 -29.21
N PHE A 385 -22.05 -16.25 -28.16
CA PHE A 385 -21.85 -15.69 -26.81
C PHE A 385 -22.03 -16.85 -25.83
N ASN A 386 -21.18 -16.85 -24.82
CA ASN A 386 -21.18 -17.76 -23.66
C ASN A 386 -21.78 -16.97 -22.50
N PRO A 387 -23.02 -17.22 -22.00
CA PRO A 387 -23.55 -16.51 -20.83
C PRO A 387 -22.65 -16.80 -19.62
N PRO A 388 -22.09 -15.78 -18.96
CA PRO A 388 -21.24 -16.06 -17.80
C PRO A 388 -22.05 -16.67 -16.64
N VAL A 389 -21.40 -17.53 -15.86
CA VAL A 389 -21.94 -18.02 -14.55
C VAL A 389 -21.35 -17.23 -13.37
N ALA A 390 -20.35 -16.38 -13.61
CA ALA A 390 -19.76 -15.51 -12.58
C ALA A 390 -19.19 -14.24 -13.21
N GLY A 391 -19.15 -13.18 -12.42
CA GLY A 391 -18.34 -11.97 -12.69
C GLY A 391 -19.17 -10.82 -13.23
N MET A 392 -18.50 -9.78 -13.72
CA MET A 392 -19.16 -8.54 -14.19
C MET A 392 -19.07 -8.42 -15.70
N PHE A 393 -18.40 -9.37 -16.36
CA PHE A 393 -18.09 -9.23 -17.82
C PHE A 393 -18.92 -10.22 -18.65
N PHE A 394 -19.37 -9.77 -19.82
CA PHE A 394 -19.87 -10.63 -20.91
C PHE A 394 -18.96 -10.40 -22.12
N THR A 395 -18.97 -11.36 -23.03
CA THR A 395 -18.21 -11.29 -24.29
C THR A 395 -19.15 -11.60 -25.46
N VAL A 396 -18.81 -11.04 -26.59
CA VAL A 396 -19.44 -11.33 -27.90
C VAL A 396 -18.30 -11.79 -28.79
N THR A 397 -18.37 -12.98 -29.32
CA THR A 397 -17.34 -13.57 -30.23
C THR A 397 -17.88 -13.32 -31.64
N LEU A 398 -17.01 -13.00 -32.58
CA LEU A 398 -17.41 -12.78 -34.00
C LEU A 398 -16.48 -13.57 -34.89
N ASP A 399 -16.99 -14.13 -35.99
CA ASP A 399 -16.18 -14.83 -37.02
C ASP A 399 -15.69 -13.75 -37.99
N ALA A 400 -14.47 -13.24 -37.79
CA ALA A 400 -13.89 -12.17 -38.62
C ALA A 400 -13.87 -12.60 -40.09
N SER A 401 -13.65 -13.88 -40.35
CA SER A 401 -13.60 -14.48 -41.72
C SER A 401 -14.91 -14.31 -42.50
N LYS A 402 -16.03 -13.95 -41.86
CA LYS A 402 -17.33 -13.71 -42.54
C LYS A 402 -17.50 -12.23 -42.88
N HIS A 403 -16.56 -11.37 -42.48
CA HIS A 403 -16.61 -9.92 -42.78
C HIS A 403 -16.44 -9.76 -44.29
N PRO A 404 -17.31 -8.99 -44.98
CA PRO A 404 -17.22 -8.85 -46.45
C PRO A 404 -15.90 -8.21 -46.92
N LYS A 405 -15.18 -7.50 -46.05
CA LYS A 405 -13.84 -6.92 -46.38
C LYS A 405 -12.69 -7.82 -45.90
N TYR A 406 -12.92 -9.09 -45.58
CA TYR A 406 -11.86 -9.95 -44.98
C TYR A 406 -10.64 -10.01 -45.92
N LYS A 407 -10.90 -10.17 -47.22
CA LYS A 407 -9.85 -10.26 -48.28
C LYS A 407 -9.11 -8.91 -48.37
N GLU A 408 -9.87 -7.81 -48.38
CA GLU A 408 -9.36 -6.44 -48.42
C GLU A 408 -8.49 -6.18 -47.18
N PHE A 409 -8.82 -6.84 -46.07
CA PHE A 409 -8.05 -6.73 -44.80
C PHE A 409 -6.92 -7.75 -44.79
N LEU A 410 -6.60 -8.41 -45.91
CA LEU A 410 -5.50 -9.42 -45.96
C LEU A 410 -5.71 -10.54 -44.92
N GLU A 411 -6.98 -10.94 -44.74
CA GLU A 411 -7.41 -12.02 -43.81
C GLU A 411 -6.88 -11.76 -42.39
N ASP A 412 -6.77 -10.48 -41.98
CA ASP A 412 -6.32 -10.08 -40.63
C ASP A 412 -7.52 -9.87 -39.74
N PRO A 413 -7.80 -10.77 -38.78
CA PRO A 413 -8.96 -10.57 -37.91
C PRO A 413 -8.90 -9.29 -37.08
N LEU A 414 -7.69 -8.82 -36.76
CA LEU A 414 -7.50 -7.58 -35.96
C LEU A 414 -8.00 -6.39 -36.78
N LYS A 415 -7.99 -6.46 -38.11
CA LYS A 415 -8.58 -5.35 -38.92
C LYS A 415 -10.10 -5.40 -38.81
N VAL A 416 -10.68 -6.58 -38.76
CA VAL A 416 -12.15 -6.74 -38.57
C VAL A 416 -12.49 -6.20 -37.18
N GLU A 417 -11.73 -6.58 -36.17
CA GLU A 417 -11.94 -6.10 -34.77
C GLU A 417 -11.95 -4.55 -34.73
N ALA A 418 -10.95 -3.95 -35.38
CA ALA A 418 -10.78 -2.48 -35.37
C ALA A 418 -11.99 -1.84 -36.04
N ALA A 419 -12.44 -2.42 -37.16
CA ALA A 419 -13.56 -1.88 -37.95
C ALA A 419 -14.84 -1.99 -37.13
N VAL A 420 -15.04 -3.11 -36.44
CA VAL A 420 -16.27 -3.31 -35.63
C VAL A 420 -16.22 -2.31 -34.48
N HIS A 421 -15.05 -2.15 -33.84
CA HIS A 421 -14.82 -1.20 -32.71
C HIS A 421 -15.21 0.22 -33.16
N GLU A 422 -14.65 0.67 -34.29
CA GLU A 422 -14.93 2.01 -34.84
C GLU A 422 -16.43 2.14 -35.13
N GLN A 423 -17.06 1.10 -35.71
CA GLN A 423 -18.49 1.15 -36.09
C GLN A 423 -19.34 1.25 -34.81
N ALA A 424 -19.00 0.48 -33.79
CA ALA A 424 -19.70 0.50 -32.49
C ALA A 424 -19.71 1.93 -31.93
N ILE A 425 -18.54 2.58 -31.94
CA ILE A 425 -18.36 3.96 -31.42
C ILE A 425 -19.27 4.90 -32.23
N LYS A 426 -19.26 4.77 -33.56
CA LYS A 426 -20.13 5.58 -34.46
C LYS A 426 -21.61 5.38 -34.12
N GLN A 427 -22.03 4.17 -33.75
CA GLN A 427 -23.43 3.84 -33.43
C GLN A 427 -23.76 4.24 -31.98
N GLY A 428 -22.76 4.63 -31.17
CA GLY A 428 -22.96 5.15 -29.81
C GLY A 428 -22.76 4.09 -28.71
N CYS A 429 -21.91 3.08 -28.92
CA CYS A 429 -21.65 2.00 -27.91
C CYS A 429 -20.17 1.64 -27.97
N LEU A 430 -19.59 1.48 -26.80
CA LEU A 430 -18.16 1.18 -26.68
C LEU A 430 -18.02 -0.11 -25.84
N LEU A 431 -17.33 -1.09 -26.40
CA LEU A 431 -16.89 -2.33 -25.70
C LEU A 431 -15.37 -2.35 -25.82
N ALA A 432 -14.68 -3.19 -25.06
CA ALA A 432 -13.22 -3.31 -25.12
C ALA A 432 -12.83 -4.40 -26.09
N PRO A 433 -11.99 -4.12 -27.11
CA PRO A 433 -11.49 -5.17 -27.99
C PRO A 433 -10.74 -6.27 -27.23
N GLY A 434 -11.09 -7.52 -27.55
CA GLY A 434 -10.49 -8.73 -26.92
C GLY A 434 -8.99 -8.79 -27.10
N SER A 435 -8.46 -8.37 -28.26
CA SER A 435 -7.02 -8.48 -28.59
C SER A 435 -6.20 -7.62 -27.62
N TRP A 436 -6.78 -6.60 -27.01
CA TRP A 436 -6.03 -5.70 -26.07
C TRP A 436 -5.63 -6.50 -24.84
N PHE A 437 -6.28 -7.65 -24.58
CA PHE A 437 -6.05 -8.44 -23.33
C PHE A 437 -5.12 -9.62 -23.56
N LYS A 438 -4.67 -9.81 -24.79
CA LYS A 438 -3.77 -10.94 -25.12
C LYS A 438 -2.45 -10.82 -24.36
N ALA A 439 -2.03 -11.89 -23.72
CA ALA A 439 -0.74 -12.03 -23.02
C ALA A 439 0.28 -12.56 -24.03
N GLU A 440 1.47 -11.99 -24.01
CA GLU A 440 2.62 -12.50 -24.81
C GLU A 440 3.79 -12.71 -23.87
N GLY A 441 4.57 -13.75 -24.12
CA GLY A 441 5.82 -13.96 -23.40
C GLY A 441 6.52 -15.21 -23.86
N GLN A 442 7.80 -15.28 -23.57
CA GLN A 442 8.60 -16.51 -23.78
C GLN A 442 9.43 -16.77 -22.54
N SER A 443 9.62 -18.03 -22.19
CA SER A 443 10.58 -18.47 -21.16
C SER A 443 12.01 -18.22 -21.70
N SER A 444 13.00 -18.30 -20.80
CA SER A 444 14.45 -18.22 -21.07
C SER A 444 15.10 -19.52 -20.61
N PRO A 445 15.46 -20.45 -21.53
CA PRO A 445 15.23 -20.27 -22.97
C PRO A 445 13.78 -20.54 -23.38
N PRO A 446 13.38 -20.07 -24.59
CA PRO A 446 12.02 -20.28 -25.08
C PRO A 446 11.65 -21.75 -25.27
N GLN A 447 10.35 -22.03 -25.18
CA GLN A 447 9.80 -23.37 -25.52
C GLN A 447 10.02 -23.56 -27.03
N LYS A 448 10.19 -24.80 -27.49
CA LYS A 448 10.36 -25.08 -28.95
C LYS A 448 8.99 -24.93 -29.64
N ASN A 449 8.98 -24.45 -30.89
CA ASN A 449 7.81 -24.54 -31.81
C ASN A 449 7.41 -26.00 -31.98
N LYS A 457 -6.37 -18.42 -36.86
CA LYS A 457 -7.42 -18.01 -35.87
C LYS A 457 -8.30 -16.94 -36.52
N THR A 458 -9.60 -17.20 -36.64
CA THR A 458 -10.52 -16.33 -37.39
C THR A 458 -11.52 -15.65 -36.47
N HIS A 459 -11.59 -16.06 -35.20
CA HIS A 459 -12.54 -15.48 -34.22
C HIS A 459 -11.89 -14.35 -33.43
N ILE A 460 -12.69 -13.32 -33.21
CA ILE A 460 -12.35 -12.13 -32.41
C ILE A 460 -13.43 -12.03 -31.33
N PHE A 461 -13.19 -11.24 -30.29
CA PHE A 461 -14.26 -10.93 -29.31
C PHE A 461 -14.12 -9.53 -28.73
N PHE A 462 -15.20 -9.11 -28.08
CA PHE A 462 -15.30 -7.85 -27.33
C PHE A 462 -15.73 -8.16 -25.90
N ARG A 463 -15.13 -7.46 -24.95
CA ARG A 463 -15.51 -7.52 -23.52
C ARG A 463 -16.49 -6.39 -23.24
N GLY A 464 -17.59 -6.72 -22.60
CA GLY A 464 -18.49 -5.69 -22.06
C GLY A 464 -18.72 -5.92 -20.59
N THR A 465 -19.29 -4.93 -19.91
CA THR A 465 -19.69 -5.09 -18.50
C THR A 465 -21.16 -4.74 -18.37
N TYR A 466 -21.89 -5.51 -17.57
CA TYR A 466 -23.32 -5.24 -17.25
C TYR A 466 -23.42 -4.62 -15.86
N ALA A 467 -22.29 -4.31 -15.23
CA ALA A 467 -22.23 -3.85 -13.83
C ALA A 467 -21.97 -2.34 -13.77
N ALA A 468 -21.72 -1.66 -14.88
CA ALA A 468 -21.21 -0.25 -14.85
C ALA A 468 -22.38 0.73 -15.03
N VAL A 469 -23.40 0.42 -15.86
CA VAL A 469 -24.49 1.38 -16.22
C VAL A 469 -25.84 0.85 -15.78
N PRO A 470 -26.87 1.74 -15.63
CA PRO A 470 -28.25 1.31 -15.39
C PRO A 470 -28.74 0.36 -16.49
N LEU A 471 -29.55 -0.63 -16.13
CA LEU A 471 -29.86 -1.78 -17.04
C LEU A 471 -30.62 -1.28 -18.28
N ASP A 472 -31.33 -0.16 -18.19
CA ASP A 472 -32.06 0.38 -19.36
C ASP A 472 -31.03 0.87 -20.37
N GLN A 473 -29.93 1.47 -19.93
CA GLN A 473 -28.88 2.01 -20.81
C GLN A 473 -28.10 0.83 -21.40
N LEU A 474 -27.93 -0.24 -20.63
CA LEU A 474 -27.25 -1.43 -21.14
C LEU A 474 -27.97 -1.95 -22.38
N VAL A 475 -29.30 -2.07 -22.34
CA VAL A 475 -30.08 -2.62 -23.50
C VAL A 475 -29.98 -1.61 -24.65
N VAL A 476 -29.94 -0.31 -24.35
CA VAL A 476 -29.72 0.75 -25.38
C VAL A 476 -28.39 0.47 -26.08
N GLY A 477 -27.32 0.32 -25.31
CA GLY A 477 -25.95 0.06 -25.82
C GLY A 477 -25.89 -1.21 -26.65
N LEU A 478 -26.49 -2.31 -26.21
CA LEU A 478 -26.32 -3.59 -26.93
C LEU A 478 -27.13 -3.58 -28.22
N GLU A 479 -28.25 -2.86 -28.29
CA GLU A 479 -28.99 -2.72 -29.58
C GLU A 479 -28.10 -1.95 -30.56
N LYS A 480 -27.40 -0.93 -30.09
CA LYS A 480 -26.45 -0.15 -30.92
C LYS A 480 -25.28 -1.03 -31.36
N PHE A 481 -24.79 -1.90 -30.49
CA PHE A 481 -23.70 -2.84 -30.82
C PHE A 481 -24.19 -3.79 -31.91
N GLY A 482 -25.44 -4.24 -31.76
CA GLY A 482 -26.11 -5.09 -32.76
C GLY A 482 -26.17 -4.41 -34.11
N LYS A 483 -26.60 -3.15 -34.14
CA LYS A 483 -26.61 -2.31 -35.37
C LYS A 483 -25.22 -2.24 -35.98
N ALA A 484 -24.20 -2.07 -35.14
CA ALA A 484 -22.79 -1.94 -35.57
C ALA A 484 -22.30 -3.24 -36.22
N VAL A 485 -22.60 -4.40 -35.63
CA VAL A 485 -22.18 -5.70 -36.22
C VAL A 485 -22.94 -5.89 -37.55
N ARG A 486 -24.23 -5.55 -37.60
CA ARG A 486 -25.08 -5.70 -38.81
C ARG A 486 -24.47 -4.85 -39.95
N ALA A 487 -24.13 -3.59 -39.67
CA ALA A 487 -23.52 -2.68 -40.67
C ALA A 487 -22.22 -3.29 -41.20
N GLU A 488 -21.31 -3.68 -40.31
CA GLU A 488 -19.96 -4.15 -40.72
C GLU A 488 -20.04 -5.47 -41.49
N PHE A 489 -20.91 -6.39 -41.11
CA PHE A 489 -20.96 -7.74 -41.72
C PHE A 489 -21.93 -7.76 -42.92
N GLY A 490 -22.63 -6.64 -43.16
CA GLY A 490 -23.56 -6.49 -44.29
C GLY A 490 -24.80 -7.36 -44.18
N LEU A 491 -25.48 -7.41 -43.02
CA LEU A 491 -26.59 -8.39 -42.72
C LEU A 491 -27.94 -7.67 -42.54
N THR B 5 7.24 33.93 -12.33
CA THR B 5 7.37 32.52 -12.80
C THR B 5 8.85 32.08 -12.67
N LYS B 6 9.04 30.89 -12.10
CA LYS B 6 10.35 30.29 -11.71
C LYS B 6 10.93 29.53 -12.90
N PRO B 7 12.22 29.14 -12.91
CA PRO B 7 12.77 28.33 -14.00
C PRO B 7 12.17 26.92 -13.97
N GLN B 8 12.35 26.19 -15.07
CA GLN B 8 12.06 24.74 -15.15
C GLN B 8 13.17 23.97 -14.43
N ALA B 9 12.83 22.83 -13.83
CA ALA B 9 13.77 21.84 -13.26
C ALA B 9 14.66 21.29 -14.38
N LYS B 10 15.84 20.81 -14.02
CA LYS B 10 16.70 20.04 -14.95
C LYS B 10 15.93 18.81 -15.38
N ASP B 11 16.23 18.36 -16.59
CA ASP B 11 15.80 17.04 -17.10
C ASP B 11 16.62 15.97 -16.39
N LEU B 12 16.00 15.19 -15.51
CA LEU B 12 16.74 14.15 -14.75
C LEU B 12 16.23 12.77 -15.14
N THR B 13 15.60 12.63 -16.31
CA THR B 13 15.01 11.32 -16.67
C THR B 13 16.15 10.31 -16.85
N HIS B 14 17.39 10.75 -17.10
CA HIS B 14 18.57 9.84 -17.15
C HIS B 14 18.86 9.19 -15.77
N LEU B 15 18.26 9.67 -14.68
CA LEU B 15 18.53 9.05 -13.35
C LEU B 15 17.48 7.98 -13.02
N LEU B 16 16.41 7.90 -13.82
CA LEU B 16 15.44 6.78 -13.69
C LEU B 16 16.14 5.46 -14.00
N SER B 17 15.79 4.39 -13.30
CA SER B 17 16.14 3.01 -13.65
C SER B 17 15.54 2.70 -15.04
N ASN B 18 16.22 1.85 -15.80
CA ASN B 18 15.73 1.28 -17.09
C ASN B 18 14.32 0.72 -16.88
N GLU B 19 14.07 0.05 -15.76
CA GLU B 19 12.78 -0.65 -15.49
C GLU B 19 11.66 0.39 -15.31
N SER B 20 11.95 1.50 -14.64
CA SER B 20 10.95 2.58 -14.40
C SER B 20 10.60 3.19 -15.76
N LYS B 21 11.61 3.48 -16.58
CA LYS B 21 11.37 4.14 -17.91
C LYS B 21 10.46 3.27 -18.78
N ALA B 22 10.62 1.95 -18.72
CA ALA B 22 9.86 0.96 -19.53
C ALA B 22 8.40 0.75 -19.06
N ARG B 23 8.02 1.24 -17.87
CA ARG B 23 6.63 1.08 -17.34
C ARG B 23 5.66 1.80 -18.29
N GLN B 24 4.45 1.24 -18.51
CA GLN B 24 3.46 1.81 -19.47
C GLN B 24 2.12 2.04 -18.78
N THR B 25 1.27 2.89 -19.36
CA THR B 25 -0.15 3.03 -18.97
C THR B 25 -0.91 1.81 -19.50
N SER B 26 -2.09 1.54 -18.92
CA SER B 26 -3.06 0.49 -19.35
C SER B 26 -3.33 0.61 -20.85
N PRO B 27 -3.42 -0.49 -21.62
CA PRO B 27 -3.95 -0.43 -22.99
C PRO B 27 -5.41 0.04 -23.06
N LEU B 28 -6.12 0.12 -21.92
CA LEU B 28 -7.51 0.63 -21.80
C LEU B 28 -7.52 2.13 -21.47
N LYS B 29 -6.36 2.80 -21.52
CA LYS B 29 -6.29 4.29 -21.53
C LYS B 29 -6.90 4.78 -22.85
N GLY B 30 -6.70 3.99 -23.93
CA GLY B 30 -7.12 4.28 -25.32
C GLY B 30 -8.63 4.28 -25.55
N ILE B 31 -9.46 4.03 -24.52
CA ILE B 31 -10.94 4.23 -24.59
C ILE B 31 -11.42 5.18 -23.49
N PHE B 32 -10.55 5.63 -22.60
CA PHE B 32 -10.97 6.45 -21.43
C PHE B 32 -11.73 7.71 -21.89
N LYS B 33 -11.27 8.32 -22.98
CA LYS B 33 -11.76 9.63 -23.49
C LYS B 33 -13.24 9.57 -23.85
N TYR B 34 -13.82 8.38 -24.00
CA TYR B 34 -15.26 8.13 -24.31
C TYR B 34 -16.07 7.94 -23.02
N TYR B 35 -15.40 7.84 -21.86
CA TYR B 35 -16.01 7.55 -20.54
C TYR B 35 -16.91 8.73 -20.14
N LYS B 36 -16.51 9.94 -20.53
CA LYS B 36 -17.29 11.19 -20.26
C LYS B 36 -18.51 11.23 -21.20
N GLN B 37 -18.28 11.15 -22.51
CA GLN B 37 -19.21 11.59 -23.58
C GLN B 37 -20.61 11.00 -23.40
N PRO B 38 -21.67 11.85 -23.31
CA PRO B 38 -23.04 11.39 -23.54
C PRO B 38 -23.21 11.12 -25.05
N GLY B 39 -24.23 10.33 -25.37
CA GLY B 39 -24.39 9.75 -26.72
C GLY B 39 -23.74 8.39 -26.81
N ILE B 40 -22.73 8.12 -25.96
CA ILE B 40 -21.98 6.83 -25.97
C ILE B 40 -22.40 6.04 -24.72
N THR B 41 -22.89 4.82 -24.92
CA THR B 41 -23.10 3.85 -23.82
C THR B 41 -21.76 3.14 -23.60
N PHE B 42 -21.07 3.46 -22.52
CA PHE B 42 -19.69 3.01 -22.24
C PHE B 42 -19.72 1.66 -21.51
N LEU B 43 -19.44 0.55 -22.21
CA LEU B 43 -19.52 -0.83 -21.66
C LEU B 43 -18.11 -1.44 -21.62
N GLY B 44 -17.07 -0.64 -21.88
CA GLY B 44 -15.69 -1.12 -22.08
C GLY B 44 -14.88 -1.13 -20.78
N GLY B 45 -15.51 -0.77 -19.66
CA GLY B 45 -14.84 -0.58 -18.36
C GLY B 45 -15.10 -1.70 -17.36
N GLY B 46 -14.65 -1.50 -16.12
CA GLY B 46 -14.70 -2.51 -15.03
C GLY B 46 -15.13 -1.92 -13.70
N LEU B 47 -15.73 -0.73 -13.69
CA LEU B 47 -16.03 -0.01 -12.43
C LEU B 47 -17.30 -0.57 -11.80
N PRO B 48 -17.32 -0.86 -10.48
CA PRO B 48 -18.55 -1.25 -9.84
C PRO B 48 -19.36 0.04 -9.71
N LEU B 49 -20.64 -0.11 -9.39
CA LEU B 49 -21.57 1.04 -9.29
C LEU B 49 -21.54 1.44 -7.81
N SER B 50 -21.52 2.73 -7.51
CA SER B 50 -21.51 3.25 -6.12
C SER B 50 -22.81 2.88 -5.39
N ASP B 51 -23.85 2.47 -6.13
CA ASP B 51 -25.21 2.18 -5.59
C ASP B 51 -25.14 1.15 -4.46
N TYR B 52 -24.25 0.16 -4.54
CA TYR B 52 -24.18 -0.94 -3.52
C TYR B 52 -23.22 -0.61 -2.38
N PHE B 53 -22.32 0.38 -2.49
CA PHE B 53 -21.33 0.70 -1.42
C PHE B 53 -22.09 0.81 -0.11
N PRO B 54 -21.88 -0.09 0.88
CA PRO B 54 -22.72 -0.14 2.09
C PRO B 54 -22.33 0.91 3.14
N PHE B 55 -22.05 2.13 2.70
CA PHE B 55 -21.59 3.27 3.55
C PHE B 55 -22.32 4.53 3.12
N GLU B 56 -23.33 4.93 3.92
CA GLU B 56 -24.18 6.10 3.62
C GLU B 56 -23.43 7.35 4.05
N LYS B 57 -22.64 7.21 5.11
CA LYS B 57 -21.75 8.27 5.59
C LYS B 57 -20.75 7.69 6.59
N VAL B 58 -19.67 8.43 6.75
CA VAL B 58 -18.67 8.23 7.83
C VAL B 58 -18.54 9.55 8.57
N THR B 59 -18.35 9.47 9.88
CA THR B 59 -18.14 10.67 10.73
C THR B 59 -16.90 10.43 11.58
N ALA B 60 -16.28 11.50 12.05
CA ALA B 60 -15.26 11.46 13.10
C ALA B 60 -15.43 12.65 14.05
N ASP B 61 -15.10 12.44 15.32
CA ASP B 61 -15.04 13.52 16.32
C ASP B 61 -13.57 13.90 16.48
N ILE B 62 -13.26 15.18 16.29
CA ILE B 62 -11.88 15.71 16.26
C ILE B 62 -11.78 16.94 17.15
N PRO B 63 -10.57 17.30 17.61
CA PRO B 63 -10.39 18.51 18.41
C PRO B 63 -10.53 19.79 17.59
N THR B 64 -10.64 20.95 18.27
CA THR B 64 -10.97 22.26 17.65
C THR B 64 -9.80 23.21 17.76
N PRO B 65 -9.38 23.85 16.65
CA PRO B 65 -8.38 24.89 16.73
C PRO B 65 -8.90 25.97 17.68
N SER B 66 -8.01 26.61 18.45
CA SER B 66 -6.56 26.56 18.28
C SER B 66 -5.90 25.57 19.25
N PHE B 67 -6.66 24.63 19.81
CA PHE B 67 -6.13 23.58 20.73
C PHE B 67 -5.53 24.27 21.96
N SER B 68 -6.25 25.28 22.47
CA SER B 68 -5.79 26.10 23.62
C SER B 68 -5.55 25.21 24.86
N GLY B 69 -6.22 24.05 24.95
CA GLY B 69 -6.05 23.09 26.05
C GLY B 69 -4.82 22.21 25.86
N GLY B 70 -4.07 22.39 24.77
CA GLY B 70 -2.99 21.47 24.38
C GLY B 70 -3.54 20.37 23.47
N ILE B 71 -2.72 19.86 22.55
CA ILE B 71 -3.25 19.00 21.44
C ILE B 71 -3.69 17.66 22.00
N GLY B 72 -3.21 17.30 23.19
CA GLY B 72 -3.59 16.09 23.92
C GLY B 72 -4.81 16.29 24.80
N ALA B 73 -5.44 17.47 24.81
CA ALA B 73 -6.63 17.70 25.65
C ALA B 73 -7.74 16.73 25.28
N PRO B 74 -8.56 16.26 26.24
CA PRO B 74 -9.71 15.42 25.93
C PRO B 74 -10.57 16.04 24.81
N ILE B 75 -10.97 15.21 23.85
CA ILE B 75 -11.82 15.64 22.70
C ILE B 75 -13.26 15.56 23.18
N GLU B 76 -13.75 16.66 23.74
CA GLU B 76 -15.10 16.75 24.35
C GLU B 76 -15.47 18.23 24.45
N GLY B 77 -16.76 18.51 24.57
CA GLY B 77 -17.33 19.86 24.70
C GLY B 77 -16.88 20.76 23.58
N GLU B 78 -16.29 21.89 23.95
CA GLU B 78 -15.85 22.94 23.00
C GLU B 78 -14.66 22.41 22.17
N ASN B 79 -13.94 21.41 22.68
CA ASN B 79 -12.79 20.77 21.95
C ASN B 79 -13.25 19.52 21.21
N LYS B 80 -14.49 19.48 20.72
CA LYS B 80 -14.98 18.35 19.90
C LYS B 80 -15.86 18.90 18.80
N THR B 81 -15.48 18.66 17.55
CA THR B 81 -16.40 18.88 16.40
C THR B 81 -16.56 17.56 15.64
N THR B 82 -17.75 17.33 15.10
CA THR B 82 -18.06 16.14 14.29
C THR B 82 -17.93 16.53 12.82
N ILE B 83 -17.04 15.87 12.08
CA ILE B 83 -16.96 15.99 10.61
C ILE B 83 -17.73 14.79 10.03
N GLU B 84 -18.42 15.03 8.93
CA GLU B 84 -19.28 14.07 8.24
C GLU B 84 -18.91 14.06 6.76
N VAL B 85 -18.66 12.86 6.24
CA VAL B 85 -18.59 12.62 4.79
C VAL B 85 -19.73 11.67 4.40
N PHE B 86 -20.74 12.24 3.73
CA PHE B 86 -21.84 11.47 3.12
C PHE B 86 -21.40 10.84 1.80
N LYS B 87 -22.14 9.79 1.42
CA LYS B 87 -22.01 9.10 0.11
C LYS B 87 -22.25 10.08 -1.04
N LYS B 88 -23.27 10.95 -0.92
CA LYS B 88 -23.67 11.85 -2.03
C LYS B 88 -23.14 13.27 -1.80
N ALA B 89 -22.54 13.87 -2.85
CA ALA B 89 -21.98 15.24 -2.83
C ALA B 89 -23.01 16.26 -2.27
N ALA B 90 -24.29 16.15 -2.65
CA ALA B 90 -25.30 17.15 -2.28
C ALA B 90 -25.53 17.15 -0.77
N ASP B 91 -25.16 16.07 -0.06
CA ASP B 91 -25.42 15.95 1.39
C ASP B 91 -24.24 16.51 2.20
N ASN B 92 -23.19 17.01 1.55
CA ASN B 92 -21.91 17.39 2.19
C ASN B 92 -21.75 18.91 2.22
N VAL B 93 -21.03 19.40 3.23
CA VAL B 93 -20.44 20.76 3.22
C VAL B 93 -19.49 20.83 2.02
N PRO B 94 -19.04 22.04 1.63
CA PRO B 94 -18.16 22.20 0.47
C PRO B 94 -16.84 21.44 0.63
N ASP B 95 -16.29 21.02 -0.51
CA ASP B 95 -14.88 20.59 -0.68
C ASP B 95 -14.64 19.21 -0.06
N GLN B 96 -15.69 18.42 0.14
CA GLN B 96 -15.57 17.03 0.69
C GLN B 96 -15.37 16.03 -0.46
N ILE B 97 -14.83 14.85 -0.15
CA ILE B 97 -14.71 13.76 -1.17
C ILE B 97 -15.77 12.74 -0.82
N GLU B 98 -16.96 12.94 -1.38
CA GLU B 98 -18.16 12.15 -1.06
C GLU B 98 -17.83 10.66 -1.30
N LEU B 99 -18.38 9.77 -0.48
CA LEU B 99 -17.93 8.35 -0.47
C LEU B 99 -18.24 7.67 -1.82
N ALA B 100 -19.26 8.10 -2.56
CA ALA B 100 -19.56 7.54 -3.89
C ALA B 100 -18.31 7.68 -4.80
N ARG B 101 -17.49 8.71 -4.55
CA ARG B 101 -16.22 9.01 -5.27
C ARG B 101 -14.99 8.55 -4.46
N SER B 102 -14.87 8.85 -3.15
CA SER B 102 -13.64 8.45 -2.38
C SER B 102 -13.55 6.91 -2.23
N LEU B 103 -14.67 6.18 -2.26
CA LEU B 103 -14.70 4.69 -2.14
C LEU B 103 -14.76 4.01 -3.53
N GLN B 104 -14.77 4.80 -4.60
CA GLN B 104 -14.65 4.31 -5.99
C GLN B 104 -13.17 4.23 -6.37
N TYR B 105 -12.78 3.39 -7.32
CA TYR B 105 -11.44 3.52 -7.93
C TYR B 105 -11.31 4.95 -8.47
N GLY B 106 -10.11 5.53 -8.42
CA GLY B 106 -9.88 6.83 -9.06
C GLY B 106 -8.44 7.03 -9.49
N SER B 107 -8.08 8.25 -9.85
CA SER B 107 -6.72 8.63 -10.31
C SER B 107 -5.71 8.22 -9.24
N THR B 108 -4.61 7.59 -9.64
CA THR B 108 -3.55 7.15 -8.69
C THR B 108 -2.73 8.38 -8.22
N PHE B 109 -2.83 9.53 -8.90
CA PHE B 109 -2.13 10.76 -8.45
C PHE B 109 -2.68 11.19 -7.08
N GLY B 110 -3.99 10.99 -6.88
CA GLY B 110 -4.69 11.26 -5.60
C GLY B 110 -6.00 11.98 -5.85
N LEU B 111 -6.85 12.09 -4.82
CA LEU B 111 -8.15 12.79 -4.99
C LEU B 111 -7.93 14.31 -4.99
N PRO B 112 -8.63 15.09 -5.86
CA PRO B 112 -8.29 16.50 -6.09
C PRO B 112 -8.34 17.42 -4.86
N GLU B 113 -9.37 17.26 -4.02
CA GLU B 113 -9.57 18.10 -2.81
C GLU B 113 -8.39 17.88 -1.85
N PHE B 114 -7.94 16.65 -1.71
CA PHE B 114 -6.82 16.33 -0.78
C PHE B 114 -5.52 16.91 -1.33
N LEU B 115 -5.21 16.61 -2.62
CA LEU B 115 -3.99 17.10 -3.32
C LEU B 115 -3.95 18.63 -3.23
N GLN B 116 -5.08 19.33 -3.42
CA GLN B 116 -5.08 20.81 -3.37
C GLN B 116 -4.61 21.29 -1.98
N PHE B 117 -5.16 20.73 -0.91
CA PHE B 117 -4.80 21.16 0.45
C PHE B 117 -3.31 20.88 0.68
N ILE B 118 -2.87 19.68 0.33
CA ILE B 118 -1.50 19.24 0.68
C ILE B 118 -0.50 19.99 -0.22
N LYS B 119 -0.88 20.35 -1.45
CA LYS B 119 -0.02 21.18 -2.31
C LYS B 119 0.09 22.60 -1.75
N GLU B 120 -1.00 23.19 -1.29
CA GLU B 120 -0.97 24.53 -0.68
C GLU B 120 -0.07 24.49 0.57
N HIS B 121 -0.27 23.50 1.42
CA HIS B 121 0.58 23.26 2.62
C HIS B 121 2.06 23.24 2.22
N THR B 122 2.41 22.41 1.24
CA THR B 122 3.79 22.24 0.75
C THR B 122 4.36 23.59 0.29
N ASP B 123 3.61 24.35 -0.51
CA ASP B 123 4.15 25.62 -1.06
C ASP B 123 4.29 26.69 0.03
N MET B 124 3.32 26.78 0.96
CA MET B 124 3.34 27.79 2.04
C MET B 124 4.60 27.59 2.88
N VAL B 125 4.99 26.33 3.11
CA VAL B 125 6.14 25.99 4.02
C VAL B 125 7.46 25.99 3.25
N HIS B 126 7.50 25.47 2.04
CA HIS B 126 8.76 25.08 1.34
C HIS B 126 9.06 25.98 0.15
N LYS B 127 8.07 26.75 -0.33
CA LYS B 127 8.28 27.71 -1.45
C LYS B 127 9.13 27.04 -2.55
N VAL B 128 8.61 25.95 -3.15
CA VAL B 128 9.41 25.12 -4.10
C VAL B 128 9.88 26.02 -5.24
N PRO B 129 11.21 26.09 -5.50
CA PRO B 129 11.76 27.20 -6.29
C PRO B 129 11.93 26.96 -7.79
N TYR B 130 11.33 25.91 -8.33
CA TYR B 130 11.17 25.69 -9.79
C TYR B 130 9.68 25.55 -10.09
N GLU B 131 9.34 25.60 -11.37
CA GLU B 131 7.95 25.82 -11.83
C GLU B 131 7.21 24.47 -11.83
N ASN B 132 7.83 23.41 -12.36
CA ASN B 132 7.16 22.15 -12.77
C ASN B 132 7.30 21.11 -11.64
N TRP B 133 6.82 21.48 -10.46
CA TRP B 133 6.81 20.61 -9.26
C TRP B 133 5.38 20.14 -9.03
N ASP B 134 5.25 19.04 -8.32
CA ASP B 134 3.92 18.50 -8.00
C ASP B 134 4.00 17.68 -6.71
N VAL B 135 2.81 17.27 -6.27
CA VAL B 135 2.63 16.29 -5.19
C VAL B 135 1.73 15.17 -5.71
N ILE B 136 2.05 13.95 -5.31
CA ILE B 136 1.20 12.74 -5.48
C ILE B 136 1.04 12.10 -4.11
N VAL B 137 -0.01 11.34 -3.95
CA VAL B 137 -0.28 10.62 -2.70
C VAL B 137 0.65 9.40 -2.61
N SER B 138 0.92 9.03 -1.36
CA SER B 138 1.54 7.75 -0.97
C SER B 138 0.70 7.12 0.13
N VAL B 139 0.99 5.87 0.47
CA VAL B 139 0.35 5.24 1.67
C VAL B 139 1.34 5.29 2.83
N GLY B 140 2.14 6.34 2.87
CA GLY B 140 3.16 6.56 3.90
C GLY B 140 4.57 6.47 3.37
N ASN B 141 5.51 6.91 4.19
CA ASN B 141 6.93 7.02 3.80
C ASN B 141 7.53 5.62 3.61
N THR B 142 7.03 4.60 4.31
CA THR B 142 7.50 3.21 4.14
C THR B 142 7.34 2.82 2.66
N GLU B 143 6.13 2.95 2.17
CA GLU B 143 5.79 2.63 0.76
C GLU B 143 6.55 3.61 -0.14
N ALA B 144 6.52 4.92 0.16
CA ALA B 144 7.15 5.92 -0.74
C ALA B 144 8.65 5.58 -0.91
N TRP B 145 9.32 5.10 0.15
CA TRP B 145 10.74 4.69 0.08
C TRP B 145 10.91 3.45 -0.82
N ASP B 146 10.06 2.44 -0.62
CA ASP B 146 10.10 1.22 -1.46
C ASP B 146 9.95 1.64 -2.92
N SER B 147 9.00 2.51 -3.19
CA SER B 147 8.70 3.03 -4.56
C SER B 147 9.84 3.88 -5.10
N THR B 148 10.55 4.65 -4.25
CA THR B 148 11.73 5.44 -4.64
C THR B 148 12.82 4.50 -5.16
N LEU B 149 13.13 3.45 -4.41
CA LEU B 149 14.17 2.48 -4.82
C LEU B 149 13.72 1.84 -6.14
N ARG B 150 12.43 1.59 -6.34
CA ARG B 150 11.99 0.93 -7.61
C ARG B 150 12.05 1.86 -8.81
N THR B 151 11.97 3.18 -8.59
CA THR B 151 11.93 4.24 -9.63
C THR B 151 13.36 4.59 -10.05
N PHE B 152 14.32 4.65 -9.12
CA PHE B 152 15.68 5.21 -9.42
C PHE B 152 16.79 4.16 -9.39
N CYS B 153 16.51 2.92 -9.01
CA CYS B 153 17.57 1.90 -8.78
C CYS B 153 17.26 0.57 -9.46
N SER B 154 18.27 0.01 -10.14
CA SER B 154 18.32 -1.39 -10.63
C SER B 154 19.21 -2.16 -9.65
N LYS B 155 19.07 -3.48 -9.61
CA LYS B 155 19.92 -4.39 -8.80
C LYS B 155 21.41 -4.09 -9.12
N GLY B 156 22.24 -3.99 -8.08
CA GLY B 156 23.68 -3.70 -8.19
C GLY B 156 23.98 -2.21 -8.21
N ASP B 157 22.98 -1.33 -8.31
CA ASP B 157 23.19 0.14 -8.21
C ASP B 157 23.58 0.47 -6.75
N THR B 158 24.14 1.66 -6.55
CA THR B 158 24.49 2.20 -5.23
C THR B 158 23.63 3.41 -4.91
N ILE B 159 23.24 3.49 -3.64
CA ILE B 159 22.76 4.75 -3.00
C ILE B 159 23.68 5.12 -1.83
N LEU B 160 23.70 6.41 -1.49
CA LEU B 160 24.38 6.87 -0.27
C LEU B 160 23.31 6.95 0.82
N VAL B 161 23.66 6.46 2.01
CA VAL B 161 22.81 6.53 3.23
C VAL B 161 23.65 7.10 4.37
N GLU B 162 22.99 7.69 5.38
CA GLU B 162 23.61 8.09 6.65
C GLU B 162 24.25 6.84 7.28
N GLU B 163 25.45 6.95 7.85
CA GLU B 163 26.18 5.74 8.30
C GLU B 163 25.45 5.08 9.45
N TYR B 164 24.61 5.80 10.20
CA TYR B 164 23.58 5.24 11.11
C TYR B 164 22.22 5.72 10.61
N THR B 165 21.35 4.77 10.30
CA THR B 165 20.05 5.16 9.68
C THR B 165 18.96 4.14 10.03
N PHE B 166 17.79 4.26 9.38
CA PHE B 166 16.55 3.52 9.69
C PHE B 166 16.67 2.09 9.18
N SER B 167 16.54 1.08 10.04
CA SER B 167 16.72 -0.34 9.66
C SER B 167 15.78 -0.77 8.52
N SER B 168 14.52 -0.32 8.55
CA SER B 168 13.50 -0.64 7.52
CA SER B 168 13.50 -0.65 7.53
C SER B 168 13.94 -0.12 6.15
N ALA B 169 14.58 1.06 6.09
CA ALA B 169 15.03 1.62 4.79
C ALA B 169 16.15 0.75 4.21
N LEU B 170 17.05 0.26 5.06
CA LEU B 170 18.17 -0.59 4.63
C LEU B 170 17.62 -1.94 4.16
N GLU B 171 16.73 -2.54 4.94
CA GLU B 171 16.03 -3.82 4.58
C GLU B 171 15.38 -3.67 3.21
N SER B 172 14.66 -2.57 2.95
CA SER B 172 14.01 -2.33 1.65
CA SER B 172 14.01 -2.30 1.65
C SER B 172 15.07 -2.36 0.54
N ALA B 173 16.16 -1.62 0.72
CA ALA B 173 17.27 -1.56 -0.27
C ALA B 173 17.85 -2.97 -0.45
N ASN B 174 18.11 -3.66 0.66
CA ASN B 174 18.71 -5.03 0.63
C ASN B 174 17.85 -5.94 -0.23
N GLY B 175 16.54 -5.82 -0.10
CA GLY B 175 15.57 -6.66 -0.83
C GLY B 175 15.61 -6.40 -2.32
N GLN B 176 16.02 -5.21 -2.74
CA GLN B 176 16.08 -4.85 -4.18
C GLN B 176 17.52 -4.97 -4.71
N GLY B 177 18.45 -5.53 -3.95
CA GLY B 177 19.85 -5.67 -4.35
C GLY B 177 20.54 -4.33 -4.52
N VAL B 178 20.11 -3.29 -3.81
CA VAL B 178 20.72 -1.94 -3.94
C VAL B 178 21.73 -1.78 -2.82
N ASN B 179 22.98 -1.51 -3.21
CA ASN B 179 24.11 -1.24 -2.28
C ASN B 179 23.86 0.07 -1.51
N THR B 180 23.97 0.02 -0.18
CA THR B 180 23.88 1.21 0.72
C THR B 180 25.27 1.58 1.24
N VAL B 181 25.91 2.53 0.56
CA VAL B 181 27.26 3.02 0.98
C VAL B 181 27.05 4.09 2.05
N PRO B 182 27.67 3.89 3.24
CA PRO B 182 27.46 4.79 4.38
C PRO B 182 28.28 6.07 4.24
N VAL B 183 27.64 7.18 4.62
CA VAL B 183 28.20 8.54 4.61
C VAL B 183 28.51 8.94 6.05
N THR B 184 29.72 9.41 6.33
CA THR B 184 30.23 9.63 7.69
C THR B 184 29.49 10.80 8.33
N MET B 185 29.11 10.60 9.58
CA MET B 185 28.35 11.58 10.41
C MET B 185 29.21 12.02 11.59
N ASP B 186 28.88 13.19 12.12
CA ASP B 186 29.28 13.55 13.50
C ASP B 186 27.95 13.70 14.26
N GLU B 187 27.97 14.26 15.46
CA GLU B 187 26.75 14.36 16.29
C GLU B 187 25.75 15.32 15.64
N PHE B 188 26.13 16.07 14.61
CA PHE B 188 25.20 17.03 13.95
C PHE B 188 24.74 16.50 12.59
N GLY B 189 25.14 15.26 12.23
CA GLY B 189 24.73 14.55 11.01
C GLY B 189 25.84 14.42 9.99
N ILE B 190 25.46 14.22 8.74
CA ILE B 190 26.37 14.05 7.58
C ILE B 190 27.41 15.19 7.66
N ILE B 191 28.68 14.83 7.45
CA ILE B 191 29.80 15.81 7.36
C ILE B 191 29.99 16.13 5.89
N PRO B 192 29.62 17.34 5.41
CA PRO B 192 29.71 17.62 3.98
C PRO B 192 31.10 17.40 3.35
N GLU B 193 32.21 17.81 4.03
CA GLU B 193 33.56 17.64 3.44
C GLU B 193 33.81 16.16 3.07
N LYS B 194 33.46 15.21 3.90
CA LYS B 194 33.80 13.78 3.66
C LYS B 194 32.89 13.21 2.54
N LEU B 195 31.65 13.72 2.44
CA LEU B 195 30.75 13.38 1.30
C LEU B 195 31.34 13.93 -0.01
N GLU B 196 31.78 15.20 -0.04
CA GLU B 196 32.45 15.80 -1.21
C GLU B 196 33.67 14.93 -1.57
N GLU B 197 34.47 14.58 -0.58
CA GLU B 197 35.75 13.84 -0.78
C GLU B 197 35.39 12.48 -1.39
N LEU B 198 34.43 11.78 -0.79
CA LEU B 198 33.94 10.46 -1.26
C LEU B 198 33.57 10.55 -2.74
N MET B 199 32.82 11.59 -3.14
CA MET B 199 32.37 11.77 -4.53
C MET B 199 33.55 12.15 -5.41
N SER B 200 34.50 12.98 -4.94
CA SER B 200 35.58 13.52 -5.81
C SER B 200 36.42 12.36 -6.37
N ARG B 201 36.51 11.22 -5.65
CA ARG B 201 37.33 10.04 -6.07
C ARG B 201 36.42 8.84 -6.38
N TRP B 202 35.14 9.09 -6.64
CA TRP B 202 34.17 7.97 -6.83
C TRP B 202 34.65 7.08 -7.99
N VAL B 203 34.79 5.79 -7.76
CA VAL B 203 35.07 4.82 -8.87
C VAL B 203 33.76 4.16 -9.34
N GLY B 204 33.62 3.96 -10.65
CA GLY B 204 32.53 3.21 -11.30
C GLY B 204 31.28 4.06 -11.40
N ASN B 205 30.13 3.44 -11.61
CA ASN B 205 28.88 4.20 -11.82
C ASN B 205 28.56 4.97 -10.52
N LYS B 206 28.23 6.23 -10.69
CA LYS B 206 27.92 7.13 -9.57
C LYS B 206 26.69 6.63 -8.81
N PRO B 207 26.54 7.02 -7.55
CA PRO B 207 25.36 6.64 -6.79
C PRO B 207 24.16 7.36 -7.40
N LYS B 208 22.98 6.73 -7.36
CA LYS B 208 21.74 7.34 -7.92
C LYS B 208 21.26 8.48 -7.04
N PHE B 209 21.42 8.35 -5.73
CA PHE B 209 20.95 9.40 -4.81
C PHE B 209 21.55 9.22 -3.42
N LEU B 210 21.29 10.24 -2.61
CA LEU B 210 21.53 10.24 -1.16
C LEU B 210 20.18 10.18 -0.44
N TYR B 211 20.06 9.23 0.49
CA TYR B 211 18.88 9.02 1.35
C TYR B 211 19.22 9.67 2.68
N THR B 212 18.45 10.67 3.11
CA THR B 212 18.69 11.44 4.34
C THR B 212 17.40 11.59 5.13
N ILE B 213 17.48 11.27 6.40
CA ILE B 213 16.40 11.66 7.36
C ILE B 213 16.91 12.92 8.04
N CYS B 214 16.79 14.08 7.39
CA CYS B 214 17.67 15.19 7.70
C CYS B 214 17.17 15.96 8.93
N THR B 215 15.90 15.81 9.31
CA THR B 215 15.28 16.47 10.49
C THR B 215 14.91 15.42 11.55
N GLY B 216 15.55 15.44 12.72
CA GLY B 216 15.23 14.45 13.76
C GLY B 216 15.71 13.07 13.33
N GLN B 217 16.86 13.05 12.69
CA GLN B 217 17.50 11.88 12.04
C GLN B 217 17.35 10.66 12.97
N ASN B 218 16.96 9.50 12.40
CA ASN B 218 16.80 8.23 13.13
C ASN B 218 18.04 7.38 12.81
N PRO B 219 18.93 7.01 13.76
CA PRO B 219 18.77 7.14 15.21
C PRO B 219 19.45 8.27 15.98
N THR B 220 20.21 9.14 15.31
CA THR B 220 21.18 10.08 15.96
C THR B 220 20.43 11.22 16.66
N GLY B 221 19.20 11.55 16.24
CA GLY B 221 18.48 12.69 16.81
C GLY B 221 19.11 13.99 16.33
N SER B 222 20.03 13.90 15.37
CA SER B 222 20.69 15.05 14.75
C SER B 222 19.75 15.74 13.74
N SER B 223 19.95 17.01 13.43
CA SER B 223 19.24 17.65 12.30
C SER B 223 20.24 18.43 11.50
N LEU B 224 20.31 18.25 10.19
CA LEU B 224 21.28 19.03 9.39
C LEU B 224 20.92 20.51 9.47
N SER B 225 21.92 21.33 9.81
CA SER B 225 21.81 22.81 9.80
C SER B 225 21.51 23.30 8.38
N ALA B 226 20.95 24.51 8.26
CA ALA B 226 20.72 25.16 6.97
C ALA B 226 22.04 25.20 6.18
N GLU B 227 23.15 25.44 6.87
N GLU B 227 23.15 25.45 6.89
CA GLU B 227 24.48 25.54 6.22
C GLU B 227 24.88 24.17 5.67
N ARG B 228 24.72 23.09 6.40
CA ARG B 228 25.12 21.77 5.88
C ARG B 228 24.18 21.34 4.74
N ARG B 229 22.92 21.76 4.78
CA ARG B 229 21.95 21.40 3.71
C ARG B 229 22.42 22.06 2.40
N LYS B 230 22.80 23.33 2.47
CA LYS B 230 23.30 24.09 1.31
C LYS B 230 24.49 23.34 0.73
N GLN B 231 25.43 22.93 1.58
CA GLN B 231 26.68 22.32 1.06
C GLN B 231 26.35 20.95 0.42
N ILE B 232 25.46 20.19 1.05
CA ILE B 232 25.08 18.83 0.55
C ILE B 232 24.33 18.99 -0.77
N TYR B 233 23.43 19.97 -0.86
CA TYR B 233 22.69 20.27 -2.13
C TYR B 233 23.70 20.57 -3.23
N ASP B 234 24.71 21.39 -2.94
CA ASP B 234 25.78 21.74 -3.94
C ASP B 234 26.52 20.48 -4.40
N ILE B 235 26.77 19.54 -3.51
CA ILE B 235 27.45 18.26 -3.87
C ILE B 235 26.51 17.45 -4.78
N ALA B 236 25.22 17.37 -4.45
CA ALA B 236 24.24 16.62 -5.29
C ALA B 236 24.23 17.25 -6.69
N CYS B 237 24.35 18.57 -6.81
CA CYS B 237 24.29 19.26 -8.12
C CYS B 237 25.58 19.00 -8.88
N LYS B 238 26.71 19.01 -8.19
CA LYS B 238 28.05 18.93 -8.81
C LYS B 238 28.25 17.51 -9.33
N TYR B 239 27.79 16.50 -8.60
CA TYR B 239 28.02 15.11 -9.04
C TYR B 239 26.76 14.53 -9.68
N ASP B 240 25.67 15.31 -9.76
CA ASP B 240 24.41 14.90 -10.43
C ASP B 240 23.84 13.61 -9.85
N PHE B 241 23.44 13.62 -8.58
CA PHE B 241 22.64 12.56 -7.95
C PHE B 241 21.44 13.26 -7.29
N LEU B 242 20.36 12.51 -7.04
CA LEU B 242 19.17 13.08 -6.36
C LEU B 242 19.37 13.09 -4.85
N ILE B 243 18.52 13.84 -4.16
CA ILE B 243 18.46 13.75 -2.68
C ILE B 243 17.05 13.29 -2.34
N ILE B 244 16.97 12.22 -1.58
CA ILE B 244 15.67 11.72 -1.10
C ILE B 244 15.63 12.08 0.37
N GLU B 245 14.74 12.99 0.72
CA GLU B 245 14.61 13.51 2.08
C GLU B 245 13.35 12.83 2.64
N ASP B 246 13.59 11.87 3.50
CA ASP B 246 12.56 11.09 4.18
C ASP B 246 12.28 11.80 5.49
N GLU B 247 11.17 12.53 5.53
CA GLU B 247 11.02 13.62 6.52
C GLU B 247 9.74 13.46 7.30
N PRO B 248 9.50 12.29 7.94
CA PRO B 248 8.29 12.14 8.77
C PRO B 248 8.36 12.99 10.06
N TYR B 249 9.54 13.43 10.47
CA TYR B 249 9.72 14.13 11.77
C TYR B 249 9.88 15.64 11.55
N TYR B 250 9.66 16.15 10.32
CA TYR B 250 9.87 17.57 10.02
C TYR B 250 9.12 18.47 11.00
N PHE B 251 7.93 18.11 11.44
CA PHE B 251 7.11 18.99 12.29
C PHE B 251 7.32 18.60 13.76
N LEU B 252 8.36 17.80 14.06
CA LEU B 252 8.81 17.60 15.46
C LEU B 252 10.02 18.51 15.71
N GLN B 253 10.23 19.53 14.88
CA GLN B 253 11.16 20.62 15.24
C GLN B 253 10.73 21.26 16.57
N MET B 254 11.72 21.72 17.33
CA MET B 254 11.51 22.21 18.71
C MET B 254 12.27 23.53 18.87
N GLU B 255 11.93 24.23 19.95
CA GLU B 255 12.73 25.38 20.44
C GLU B 255 14.12 24.85 20.76
N THR B 256 15.17 25.63 20.46
CA THR B 256 16.57 25.34 20.86
C THR B 256 16.62 25.08 22.38
N TYR B 257 17.35 24.05 22.79
CA TYR B 257 17.45 23.67 24.22
C TYR B 257 18.33 24.71 24.91
N THR B 258 17.95 25.10 26.10
CA THR B 258 18.77 25.92 27.03
C THR B 258 18.77 25.24 28.41
N LYS B 259 19.89 25.26 29.15
CA LYS B 259 19.93 24.75 30.55
C LYS B 259 19.12 25.69 31.46
N ASP B 260 19.06 26.97 31.09
CA ASP B 260 18.37 28.04 31.88
C ASP B 260 16.87 27.81 31.84
N LYS B 261 16.36 27.02 32.78
CA LYS B 261 14.92 26.64 32.84
C LYS B 261 14.05 27.90 32.74
N ALA B 262 14.42 28.99 33.43
CA ALA B 262 13.61 30.23 33.54
C ALA B 262 13.40 30.88 32.16
N ALA B 263 14.31 30.66 31.19
CA ALA B 263 14.27 31.27 29.84
C ALA B 263 13.30 30.53 28.88
N ARG B 264 12.70 29.42 29.29
CA ARG B 264 12.11 28.45 28.31
C ARG B 264 10.73 28.93 27.83
N GLU B 265 9.85 29.40 28.73
CA GLU B 265 8.50 29.87 28.32
C GLU B 265 8.66 30.97 27.27
N GLY B 266 9.59 31.90 27.52
CA GLY B 266 9.87 33.08 26.67
C GLY B 266 10.27 32.72 25.25
N LYS B 267 10.85 31.52 25.04
CA LYS B 267 11.45 31.09 23.74
C LYS B 267 10.38 30.62 22.75
N ALA B 268 9.18 30.26 23.22
CA ALA B 268 8.15 29.64 22.35
C ALA B 268 7.85 30.60 21.20
N VAL B 269 7.61 30.09 19.98
CA VAL B 269 7.11 30.92 18.85
C VAL B 269 5.74 31.48 19.26
N HIS B 270 5.43 32.71 18.88
CA HIS B 270 4.23 33.45 19.40
C HIS B 270 3.10 33.44 18.37
N ASP B 271 3.34 33.10 17.10
CA ASP B 271 2.29 33.16 16.03
C ASP B 271 2.71 32.40 14.77
N HIS B 272 1.83 32.36 13.76
CA HIS B 272 2.02 31.53 12.55
C HIS B 272 3.28 31.99 11.80
N ASP B 273 3.53 33.31 11.78
CA ASP B 273 4.70 33.89 11.07
C ASP B 273 6.01 33.46 11.74
N GLU B 274 6.13 33.57 13.05
CA GLU B 274 7.34 33.17 13.81
C GLU B 274 7.53 31.67 13.59
N PHE B 275 6.46 30.90 13.62
CA PHE B 275 6.54 29.43 13.44
C PHE B 275 7.20 29.10 12.10
N LEU B 276 6.65 29.62 11.00
CA LEU B 276 7.12 29.31 9.62
C LEU B 276 8.57 29.81 9.46
N LYS B 277 8.93 30.92 10.10
CA LYS B 277 10.31 31.48 9.99
C LYS B 277 11.30 30.61 10.77
N ALA B 278 10.85 29.91 11.80
CA ALA B 278 11.72 29.13 12.70
C ALA B 278 12.12 27.79 12.05
N LEU B 279 11.32 27.28 11.10
CA LEU B 279 11.50 25.92 10.52
C LEU B 279 12.78 25.89 9.70
N VAL B 280 13.59 24.84 9.84
CA VAL B 280 14.84 24.72 9.05
C VAL B 280 14.45 24.59 7.59
N PRO B 281 15.15 25.25 6.63
CA PRO B 281 14.87 25.01 5.21
C PRO B 281 14.97 23.53 4.83
N SER B 282 13.97 23.02 4.11
CA SER B 282 13.98 21.68 3.49
C SER B 282 14.96 21.67 2.31
N PHE B 283 15.36 20.46 1.87
CA PHE B 283 16.07 20.33 0.59
C PHE B 283 15.13 20.75 -0.54
N ILE B 284 13.81 20.47 -0.46
CA ILE B 284 12.92 20.98 -1.55
C ILE B 284 13.03 22.51 -1.64
N SER B 285 13.06 23.22 -0.51
CA SER B 285 13.14 24.71 -0.51
C SER B 285 14.41 25.17 -1.22
N LEU B 286 15.48 24.36 -1.21
CA LEU B 286 16.78 24.72 -1.80
C LEU B 286 16.86 24.30 -3.27
N ASP B 287 15.85 23.58 -3.75
CA ASP B 287 16.00 22.67 -4.92
C ASP B 287 15.73 23.41 -6.23
N VAL B 288 16.59 24.36 -6.59
CA VAL B 288 16.46 25.11 -7.86
C VAL B 288 16.49 24.14 -9.05
N GLU B 289 17.21 23.02 -8.96
CA GLU B 289 17.42 22.09 -10.12
C GLU B 289 16.32 21.01 -10.20
N GLY B 290 15.48 20.81 -9.18
CA GLY B 290 14.46 19.73 -9.21
C GLY B 290 15.07 18.34 -9.01
N ARG B 291 16.16 18.21 -8.26
CA ARG B 291 16.80 16.90 -8.03
C ARG B 291 16.46 16.41 -6.61
N VAL B 292 15.49 17.04 -5.94
CA VAL B 292 15.06 16.57 -4.59
C VAL B 292 13.71 15.86 -4.72
N VAL B 293 13.58 14.71 -4.06
CA VAL B 293 12.27 14.07 -3.80
C VAL B 293 12.07 14.05 -2.29
N ARG B 294 10.95 14.59 -1.86
CA ARG B 294 10.58 14.62 -0.42
C ARG B 294 9.50 13.58 -0.14
N LEU B 295 9.68 12.78 0.90
CA LEU B 295 8.68 11.80 1.39
C LEU B 295 8.04 12.42 2.63
N ASP B 296 6.79 12.85 2.49
CA ASP B 296 6.02 13.46 3.60
C ASP B 296 4.95 12.52 4.12
N SER B 297 4.71 12.53 5.44
CA SER B 297 3.76 11.59 6.06
C SER B 297 2.94 12.29 7.14
N PHE B 298 1.71 11.83 7.33
CA PHE B 298 0.87 12.22 8.50
C PHE B 298 1.15 11.36 9.73
N SER B 299 2.01 10.35 9.62
CA SER B 299 2.15 9.33 10.70
C SER B 299 2.51 9.96 12.04
N LYS B 300 3.45 10.89 12.10
CA LYS B 300 3.96 11.41 13.38
C LYS B 300 3.20 12.69 13.76
N VAL B 301 2.27 13.14 12.90
CA VAL B 301 1.53 14.42 13.05
C VAL B 301 0.08 14.14 13.43
N LEU B 302 -0.60 13.24 12.72
CA LEU B 302 -2.00 12.88 13.02
C LEU B 302 -2.00 11.48 13.65
N ALA B 303 -1.76 10.42 12.87
CA ALA B 303 -1.70 9.04 13.42
C ALA B 303 -1.06 8.11 12.39
N PRO B 304 -0.25 7.14 12.79
CA PRO B 304 0.33 6.17 11.84
C PRO B 304 -0.71 5.41 11.01
N GLY B 305 -1.87 5.12 11.59
CA GLY B 305 -2.92 4.27 10.96
C GLY B 305 -3.60 4.94 9.78
N LEU B 306 -3.40 6.25 9.55
CA LEU B 306 -3.90 6.90 8.32
CA LEU B 306 -3.91 6.89 8.32
C LEU B 306 -3.34 6.16 7.10
N ARG B 307 -2.08 5.75 7.17
CA ARG B 307 -1.46 5.11 5.98
C ARG B 307 -1.66 6.09 4.81
N LEU B 308 -1.20 7.31 5.01
CA LEU B 308 -1.39 8.39 4.04
C LEU B 308 -0.20 9.34 4.14
N GLY B 309 0.40 9.59 3.01
CA GLY B 309 1.42 10.61 2.93
C GLY B 309 1.43 11.14 1.52
N TRP B 310 2.48 11.83 1.20
CA TRP B 310 2.62 12.34 -0.18
C TRP B 310 4.09 12.44 -0.55
N ILE B 311 4.32 12.68 -1.83
CA ILE B 311 5.70 12.74 -2.40
C ILE B 311 5.75 14.04 -3.17
N VAL B 312 6.79 14.85 -2.92
CA VAL B 312 7.04 16.14 -3.59
C VAL B 312 8.24 15.98 -4.50
N GLY B 313 8.11 16.45 -5.74
CA GLY B 313 9.20 16.41 -6.71
C GLY B 313 8.76 16.88 -8.08
N GLN B 314 9.66 16.76 -9.04
CA GLN B 314 9.37 17.34 -10.36
C GLN B 314 8.37 16.43 -11.06
N LYS B 315 7.52 17.03 -11.89
CA LYS B 315 6.36 16.39 -12.56
C LYS B 315 6.80 15.10 -13.23
N ASP B 316 7.82 15.14 -14.07
CA ASP B 316 8.20 13.97 -14.88
C ASP B 316 8.74 12.82 -14.04
N LEU B 317 9.31 13.04 -12.85
CA LEU B 317 9.73 11.90 -12.00
C LEU B 317 8.51 11.36 -11.26
N LEU B 318 7.64 12.23 -10.75
CA LEU B 318 6.40 11.85 -10.03
C LEU B 318 5.54 10.99 -10.95
N GLU B 319 5.52 11.25 -12.26
CA GLU B 319 4.72 10.47 -13.23
C GLU B 319 5.17 9.00 -13.21
N ARG B 320 6.48 8.71 -13.10
CA ARG B 320 6.99 7.32 -12.99
C ARG B 320 6.55 6.67 -11.66
N TYR B 321 6.55 7.40 -10.56
CA TYR B 321 5.95 6.88 -9.32
C TYR B 321 4.47 6.51 -9.56
N VAL B 322 3.69 7.35 -10.27
CA VAL B 322 2.24 7.07 -10.49
C VAL B 322 2.09 5.76 -11.27
N ARG B 323 2.87 5.55 -12.33
CA ARG B 323 2.85 4.28 -13.10
C ARG B 323 3.11 3.11 -12.15
N LEU B 324 4.10 3.22 -11.28
CA LEU B 324 4.40 2.12 -10.33
C LEU B 324 3.24 1.95 -9.37
N HIS B 325 2.73 3.05 -8.80
CA HIS B 325 1.59 2.99 -7.85
C HIS B 325 0.38 2.26 -8.45
N GLU B 326 0.05 2.51 -9.73
CA GLU B 326 -1.06 1.86 -10.48
C GLU B 326 -1.04 0.34 -10.34
N VAL B 327 0.13 -0.29 -10.35
CA VAL B 327 0.25 -1.78 -10.31
C VAL B 327 0.88 -2.28 -9.01
N SER B 328 1.04 -1.43 -8.00
CA SER B 328 1.55 -1.83 -6.66
C SER B 328 0.45 -1.50 -5.63
N VAL B 329 0.41 -0.29 -5.08
CA VAL B 329 -0.54 0.00 -3.98
C VAL B 329 -1.88 0.53 -4.48
N GLN B 330 -1.94 1.05 -5.70
CA GLN B 330 -3.15 1.55 -6.40
C GLN B 330 -3.51 2.95 -5.88
N ASN B 331 -3.84 3.06 -4.58
CA ASN B 331 -4.27 4.35 -3.98
C ASN B 331 -4.35 4.15 -2.49
N PRO B 332 -4.24 5.21 -1.67
CA PRO B 332 -4.56 5.11 -0.25
C PRO B 332 -6.02 4.74 -0.04
N SER B 333 -6.33 4.23 1.15
CA SER B 333 -7.71 4.07 1.66
C SER B 333 -8.52 5.35 1.38
N GLY B 334 -9.70 5.16 0.80
CA GLY B 334 -10.64 6.25 0.52
C GLY B 334 -11.14 6.80 1.85
N PHE B 335 -11.26 5.93 2.86
CA PHE B 335 -11.65 6.38 4.21
C PHE B 335 -10.55 7.27 4.75
N SER B 336 -9.27 6.88 4.70
CA SER B 336 -8.16 7.74 5.22
C SER B 336 -8.19 9.09 4.47
N GLU B 337 -8.29 9.05 3.15
CA GLU B 337 -8.07 10.29 2.35
C GLU B 337 -9.28 11.23 2.52
N ALA B 338 -10.48 10.66 2.56
CA ALA B 338 -11.73 11.44 2.76
C ALA B 338 -11.75 12.02 4.18
N LEU B 339 -11.36 11.23 5.19
CA LEU B 339 -11.36 11.72 6.58
C LEU B 339 -10.23 12.73 6.76
N ALA B 340 -9.04 12.54 6.15
CA ALA B 340 -7.91 13.50 6.29
C ALA B 340 -8.31 14.83 5.63
N ASN B 341 -8.85 14.76 4.44
CA ASN B 341 -9.38 15.95 3.73
C ASN B 341 -10.42 16.69 4.61
N ALA B 342 -11.34 15.97 5.23
CA ALA B 342 -12.42 16.55 6.08
C ALA B 342 -11.80 17.23 7.30
N LEU B 343 -10.84 16.57 7.98
CA LEU B 343 -10.17 17.14 9.16
C LEU B 343 -9.38 18.38 8.74
N LEU B 344 -8.58 18.32 7.66
CA LEU B 344 -7.69 19.44 7.31
C LEU B 344 -8.50 20.66 6.86
N ARG B 345 -9.60 20.44 6.15
CA ARG B 345 -10.45 21.54 5.62
C ARG B 345 -11.31 22.11 6.76
N LYS B 346 -11.65 21.29 7.75
CA LYS B 346 -12.44 21.77 8.92
C LYS B 346 -11.53 22.68 9.76
N TRP B 347 -10.28 22.26 9.95
CA TRP B 347 -9.28 23.06 10.68
C TRP B 347 -8.85 24.26 9.83
N GLY B 348 -8.82 24.06 8.52
CA GLY B 348 -8.20 24.98 7.56
C GLY B 348 -6.69 25.02 7.72
N HIS B 349 -6.00 25.67 6.80
CA HIS B 349 -4.54 25.86 6.92
C HIS B 349 -4.23 26.50 8.28
N SER B 350 -5.08 27.43 8.71
CA SER B 350 -4.82 28.16 9.97
C SER B 350 -4.80 27.14 11.12
N GLY B 351 -5.82 26.30 11.20
CA GLY B 351 -5.98 25.28 12.25
C GLY B 351 -4.88 24.23 12.18
N TYR B 352 -4.47 23.84 10.98
CA TYR B 352 -3.41 22.80 10.84
C TYR B 352 -2.13 23.43 11.40
N LEU B 353 -1.84 24.69 11.04
CA LEU B 353 -0.68 25.38 11.62
C LEU B 353 -0.83 25.40 13.15
N ASP B 354 -2.02 25.68 13.70
CA ASP B 354 -2.18 25.67 15.17
C ASP B 354 -1.79 24.30 15.71
N TRP B 355 -2.19 23.25 15.00
CA TRP B 355 -1.92 21.87 15.42
C TRP B 355 -0.39 21.64 15.44
N LEU B 356 0.29 22.05 14.39
CA LEU B 356 1.77 21.88 14.25
C LEU B 356 2.50 22.73 15.32
N ILE B 357 1.93 23.88 15.72
CA ILE B 357 2.56 24.73 16.78
C ILE B 357 2.36 24.07 18.15
N GLY B 358 1.20 23.45 18.38
CA GLY B 358 0.91 22.65 19.58
C GLY B 358 1.82 21.43 19.63
N LEU B 359 2.04 20.78 18.49
CA LEU B 359 2.96 19.61 18.40
C LEU B 359 4.38 20.06 18.78
N ARG B 360 4.88 21.14 18.20
CA ARG B 360 6.18 21.79 18.56
C ARG B 360 6.28 22.01 20.08
N ALA B 361 5.30 22.67 20.70
CA ALA B 361 5.31 22.97 22.17
C ALA B 361 5.43 21.65 22.96
N GLU B 362 4.61 20.65 22.65
CA GLU B 362 4.60 19.37 23.41
C GLU B 362 5.96 18.67 23.31
N TYR B 363 6.50 18.50 22.10
CA TYR B 363 7.83 17.86 21.88
C TYR B 363 8.94 18.67 22.54
N THR B 364 8.95 20.00 22.42
CA THR B 364 9.94 20.89 23.10
C THR B 364 10.03 20.53 24.59
N HIS B 365 8.89 20.37 25.23
CA HIS B 365 8.84 20.08 26.69
C HIS B 365 9.42 18.69 26.97
N LYS B 366 9.00 17.67 26.19
CA LYS B 366 9.49 16.27 26.33
C LYS B 366 11.01 16.25 26.22
N ARG B 367 11.56 16.92 25.22
CA ARG B 367 13.01 17.04 24.97
C ARG B 367 13.72 17.71 26.16
N ASP B 368 13.14 18.79 26.72
CA ASP B 368 13.78 19.51 27.86
C ASP B 368 13.89 18.55 29.04
N VAL B 369 12.84 17.77 29.31
CA VAL B 369 12.77 16.86 30.48
C VAL B 369 13.78 15.73 30.29
N ALA B 370 13.84 15.17 29.09
CA ALA B 370 14.81 14.11 28.72
C ALA B 370 16.23 14.60 28.94
N ILE B 371 16.61 15.73 28.36
CA ILE B 371 18.00 16.22 28.33
C ILE B 371 18.41 16.74 29.71
N ASP B 372 17.51 17.41 30.42
CA ASP B 372 17.74 17.75 31.86
C ASP B 372 18.06 16.47 32.64
N ALA B 373 17.35 15.37 32.39
CA ALA B 373 17.59 14.11 33.10
C ALA B 373 18.96 13.53 32.66
N LEU B 374 19.31 13.56 31.36
CA LEU B 374 20.65 13.10 30.91
C LEU B 374 21.73 13.90 31.67
N ASP B 375 21.58 15.22 31.72
CA ASP B 375 22.60 16.13 32.31
C ASP B 375 22.82 15.77 33.78
N GLN B 376 21.74 15.45 34.46
CA GLN B 376 21.69 15.20 35.91
C GLN B 376 22.29 13.83 36.23
N PHE B 377 21.91 12.78 35.47
CA PHE B 377 21.99 11.38 35.93
C PHE B 377 23.15 10.63 35.27
N VAL B 378 23.63 11.07 34.11
CA VAL B 378 24.61 10.29 33.34
C VAL B 378 26.00 10.82 33.65
N PRO B 379 26.91 9.95 34.14
CA PRO B 379 28.28 10.38 34.44
C PRO B 379 29.05 10.95 33.26
N LYS B 380 29.58 12.17 33.45
CA LYS B 380 30.15 13.00 32.37
C LYS B 380 31.58 12.58 32.01
N GLU B 381 32.31 11.90 32.91
CA GLU B 381 33.71 11.49 32.67
C GLU B 381 33.77 10.55 31.47
N VAL B 382 32.68 9.82 31.17
CA VAL B 382 32.72 8.77 30.09
C VAL B 382 31.58 8.98 29.08
N SER B 383 30.86 10.09 29.15
CA SER B 383 29.62 10.30 28.35
C SER B 383 29.60 11.70 27.73
N SER B 384 28.86 11.84 26.63
CA SER B 384 28.48 13.15 26.04
C SER B 384 27.07 13.03 25.44
N PHE B 385 26.44 14.17 25.18
CA PHE B 385 25.09 14.17 24.58
C PHE B 385 24.88 15.52 23.87
N ASN B 386 24.20 15.47 22.73
CA ASN B 386 23.81 16.60 21.85
C ASN B 386 22.32 16.78 22.08
N PRO B 387 21.82 17.88 22.69
CA PRO B 387 20.38 18.08 22.82
C PRO B 387 19.78 18.22 21.42
N PRO B 388 18.78 17.39 21.03
CA PRO B 388 18.16 17.54 19.72
C PRO B 388 17.41 18.88 19.56
N VAL B 389 17.45 19.43 18.36
CA VAL B 389 16.59 20.57 17.91
C VAL B 389 15.32 20.06 17.20
N ALA B 390 15.21 18.76 16.87
CA ALA B 390 14.02 18.19 16.20
C ALA B 390 13.93 16.70 16.45
N GLY B 391 12.73 16.17 16.41
CA GLY B 391 12.52 14.70 16.40
C GLY B 391 12.08 14.14 17.73
N MET B 392 12.00 12.81 17.78
CA MET B 392 11.49 12.08 18.96
C MET B 392 12.66 11.39 19.68
N PHE B 393 13.86 11.48 19.16
CA PHE B 393 15.01 10.67 19.68
C PHE B 393 16.06 11.56 20.33
N PHE B 394 16.67 10.99 21.37
CA PHE B 394 17.88 11.54 22.01
C PHE B 394 18.95 10.44 21.98
N THR B 395 20.21 10.83 21.99
CA THR B 395 21.32 9.85 22.11
C THR B 395 22.24 10.20 23.28
N VAL B 396 22.79 9.14 23.90
CA VAL B 396 23.92 9.25 24.84
C VAL B 396 25.11 8.56 24.22
N THR B 397 26.23 9.28 24.05
CA THR B 397 27.51 8.75 23.53
C THR B 397 28.38 8.36 24.74
N LEU B 398 29.08 7.23 24.65
CA LEU B 398 29.97 6.72 25.74
C LEU B 398 31.35 6.42 25.14
N ASP B 399 32.43 6.69 25.87
CA ASP B 399 33.82 6.39 25.44
C ASP B 399 34.07 4.94 25.90
N ALA B 400 33.91 3.96 25.00
CA ALA B 400 33.97 2.55 25.41
C ALA B 400 35.39 2.25 25.91
N SER B 401 36.38 3.02 25.42
CA SER B 401 37.82 2.85 25.75
C SER B 401 38.07 3.09 27.24
N LYS B 402 37.10 3.64 27.99
CA LYS B 402 37.20 3.94 29.44
C LYS B 402 36.56 2.84 30.29
N HIS B 403 35.94 1.85 29.67
CA HIS B 403 35.28 0.74 30.40
C HIS B 403 36.40 -0.07 31.04
N PRO B 404 36.27 -0.43 32.33
CA PRO B 404 37.40 -1.10 33.00
C PRO B 404 37.71 -2.50 32.46
N LYS B 405 36.86 -3.07 31.60
CA LYS B 405 37.11 -4.39 30.98
C LYS B 405 37.50 -4.22 29.53
N TYR B 406 37.89 -3.02 29.09
CA TYR B 406 38.08 -2.79 27.63
C TYR B 406 39.18 -3.72 27.08
N LYS B 407 40.28 -3.91 27.82
CA LYS B 407 41.34 -4.83 27.34
C LYS B 407 40.77 -6.25 27.35
N GLU B 408 40.02 -6.60 28.39
CA GLU B 408 39.47 -7.98 28.57
C GLU B 408 38.42 -8.24 27.49
N PHE B 409 37.80 -7.16 26.99
CA PHE B 409 36.86 -7.20 25.85
C PHE B 409 37.59 -7.08 24.51
N LEU B 410 38.91 -7.30 24.46
CA LEU B 410 39.72 -7.26 23.22
C LEU B 410 39.55 -5.91 22.52
N GLU B 411 39.40 -4.85 23.30
CA GLU B 411 39.29 -3.45 22.82
C GLU B 411 38.14 -3.38 21.80
N ASP B 412 37.06 -4.10 22.09
CA ASP B 412 35.90 -4.16 21.16
C ASP B 412 34.80 -3.29 21.75
N PRO B 413 34.54 -2.10 21.17
CA PRO B 413 33.53 -1.21 21.72
C PRO B 413 32.14 -1.86 21.77
N LEU B 414 31.84 -2.78 20.86
CA LEU B 414 30.52 -3.46 20.77
C LEU B 414 30.34 -4.37 22.00
N LYS B 415 31.41 -4.90 22.61
CA LYS B 415 31.31 -5.66 23.87
C LYS B 415 30.99 -4.73 25.04
N VAL B 416 31.51 -3.50 25.02
CA VAL B 416 31.12 -2.46 26.01
C VAL B 416 29.66 -2.10 25.79
N GLU B 417 29.26 -1.87 24.56
CA GLU B 417 27.83 -1.57 24.22
C GLU B 417 26.93 -2.69 24.76
N ALA B 418 27.26 -3.96 24.51
CA ALA B 418 26.47 -5.13 24.98
C ALA B 418 26.41 -5.12 26.51
N ALA B 419 27.53 -4.87 27.18
CA ALA B 419 27.63 -4.83 28.67
C ALA B 419 26.71 -3.73 29.20
N VAL B 420 26.82 -2.54 28.64
CA VAL B 420 25.97 -1.41 29.11
C VAL B 420 24.51 -1.72 28.85
N HIS B 421 24.16 -2.27 27.68
CA HIS B 421 22.77 -2.69 27.33
C HIS B 421 22.25 -3.70 28.36
N GLU B 422 23.02 -4.76 28.65
CA GLU B 422 22.62 -5.79 29.64
C GLU B 422 22.42 -5.14 31.02
N GLN B 423 23.34 -4.27 31.42
CA GLN B 423 23.31 -3.60 32.76
C GLN B 423 22.07 -2.69 32.85
N ALA B 424 21.82 -1.85 31.84
CA ALA B 424 20.60 -1.02 31.73
C ALA B 424 19.37 -1.88 31.98
N ILE B 425 19.24 -3.00 31.26
CA ILE B 425 18.06 -3.89 31.38
C ILE B 425 17.98 -4.40 32.83
N LYS B 426 19.12 -4.84 33.39
CA LYS B 426 19.15 -5.29 34.80
C LYS B 426 18.72 -4.13 35.74
N GLN B 427 19.07 -2.87 35.44
CA GLN B 427 18.67 -1.71 36.26
C GLN B 427 17.20 -1.32 36.00
N GLY B 428 16.53 -1.92 35.01
CA GLY B 428 15.09 -1.69 34.70
C GLY B 428 14.85 -0.60 33.65
N CYS B 429 15.73 -0.41 32.66
CA CYS B 429 15.52 0.56 31.55
C CYS B 429 16.11 0.01 30.26
N LEU B 430 15.47 0.31 29.13
CA LEU B 430 15.95 -0.17 27.82
C LEU B 430 16.07 1.00 26.83
N LEU B 431 17.25 1.12 26.24
CA LEU B 431 17.54 1.96 25.07
C LEU B 431 18.02 1.07 23.93
N ALA B 432 17.98 1.59 22.71
CA ALA B 432 18.41 0.87 21.50
C ALA B 432 19.91 1.05 21.30
N PRO B 433 20.71 -0.04 21.28
CA PRO B 433 22.13 0.07 20.92
C PRO B 433 22.31 0.71 19.55
N GLY B 434 23.19 1.70 19.49
CA GLY B 434 23.51 2.44 18.27
C GLY B 434 24.02 1.53 17.18
N SER B 435 24.80 0.49 17.50
CA SER B 435 25.47 -0.31 16.43
C SER B 435 24.40 -1.02 15.57
N TRP B 436 23.22 -1.25 16.12
CA TRP B 436 22.09 -1.93 15.42
C TRP B 436 21.65 -1.09 14.21
N PHE B 437 21.99 0.21 14.16
CA PHE B 437 21.55 1.13 13.08
C PHE B 437 22.66 1.34 12.08
N LYS B 438 23.79 0.67 12.27
CA LYS B 438 24.94 0.92 11.37
C LYS B 438 24.62 0.41 9.96
N ALA B 439 24.87 1.20 8.91
CA ALA B 439 24.64 0.83 7.51
C ALA B 439 25.96 0.28 6.98
N GLU B 440 25.89 -0.79 6.19
CA GLU B 440 27.07 -1.37 5.52
C GLU B 440 26.77 -1.57 4.03
N GLY B 441 27.77 -1.35 3.19
CA GLY B 441 27.62 -1.58 1.75
C GLY B 441 28.85 -1.17 0.99
N GLN B 442 29.02 -1.76 -0.16
CA GLN B 442 30.11 -1.46 -1.08
C GLN B 442 29.49 -1.27 -2.45
N SER B 443 29.97 -0.30 -3.19
CA SER B 443 29.61 -0.13 -4.62
C SER B 443 30.18 -1.32 -5.40
N SER B 444 29.73 -1.45 -6.63
CA SER B 444 30.21 -2.44 -7.61
C SER B 444 30.69 -1.71 -8.85
N PRO B 445 32.01 -1.57 -9.07
CA PRO B 445 33.04 -2.08 -8.16
C PRO B 445 33.24 -1.24 -6.90
N PRO B 446 33.90 -1.80 -5.86
CA PRO B 446 34.06 -1.08 -4.60
C PRO B 446 34.96 0.15 -4.75
N GLN B 447 34.78 1.12 -3.85
CA GLN B 447 35.68 2.31 -3.73
C GLN B 447 37.02 1.84 -3.14
N LYS B 448 38.10 2.62 -3.28
CA LYS B 448 39.42 2.27 -2.69
C LYS B 448 39.34 2.39 -1.16
N ASN B 449 40.13 1.60 -0.42
CA ASN B 449 40.36 1.75 1.04
C ASN B 449 39.03 1.53 1.79
N LYS B 457 37.78 3.61 16.40
CA LYS B 457 36.47 4.14 16.88
C LYS B 457 36.17 3.53 18.25
N THR B 458 36.25 4.34 19.30
CA THR B 458 36.07 3.93 20.72
C THR B 458 34.74 4.45 21.25
N HIS B 459 34.01 5.27 20.49
CA HIS B 459 32.74 5.82 21.01
C HIS B 459 31.58 4.96 20.51
N ILE B 460 30.61 4.76 21.39
CA ILE B 460 29.38 3.96 21.17
C ILE B 460 28.25 4.91 21.55
N PHE B 461 27.03 4.57 21.19
CA PHE B 461 25.87 5.35 21.66
C PHE B 461 24.65 4.45 21.80
N PHE B 462 23.67 5.00 22.52
CA PHE B 462 22.33 4.46 22.68
C PHE B 462 21.33 5.51 22.19
N ARG B 463 20.28 5.00 21.56
CA ARG B 463 19.09 5.78 21.14
C ARG B 463 17.98 5.58 22.17
N GLY B 464 17.40 6.69 22.59
CA GLY B 464 16.22 6.75 23.43
C GLY B 464 15.18 7.62 22.74
N THR B 465 13.94 7.44 23.11
CA THR B 465 12.79 8.29 22.72
C THR B 465 12.20 8.93 23.98
N TYR B 466 11.78 10.20 23.87
CA TYR B 466 10.99 10.91 24.91
C TYR B 466 9.52 10.99 24.50
N ALA B 467 9.11 10.32 23.41
CA ALA B 467 7.72 10.38 22.88
C ALA B 467 6.88 9.16 23.29
N ALA B 468 7.48 8.15 23.92
CA ALA B 468 6.87 6.80 24.02
C ALA B 468 6.13 6.64 25.35
N VAL B 469 6.63 7.26 26.42
CA VAL B 469 6.14 7.04 27.82
C VAL B 469 5.87 8.38 28.49
N PRO B 470 4.99 8.39 29.50
CA PRO B 470 4.80 9.57 30.37
C PRO B 470 6.13 10.10 30.90
N LEU B 471 6.25 11.41 31.16
CA LEU B 471 7.53 12.12 31.35
C LEU B 471 8.15 11.77 32.72
N ASP B 472 7.34 11.31 33.65
CA ASP B 472 7.82 10.87 34.99
C ASP B 472 8.57 9.54 34.81
N GLN B 473 8.02 8.62 34.02
CA GLN B 473 8.63 7.29 33.72
C GLN B 473 9.90 7.51 32.89
N LEU B 474 9.94 8.56 32.06
CA LEU B 474 11.16 8.97 31.33
C LEU B 474 12.27 9.27 32.35
N VAL B 475 11.99 10.08 33.37
CA VAL B 475 13.03 10.52 34.35
CA VAL B 475 13.06 10.52 34.33
C VAL B 475 13.51 9.30 35.13
N VAL B 476 12.58 8.45 35.54
CA VAL B 476 12.86 7.16 36.24
C VAL B 476 13.84 6.36 35.36
N GLY B 477 13.49 6.20 34.08
CA GLY B 477 14.26 5.38 33.13
C GLY B 477 15.69 5.85 33.06
N LEU B 478 15.88 7.16 32.93
CA LEU B 478 17.21 7.74 32.62
C LEU B 478 18.06 7.79 33.89
N GLU B 479 17.42 7.80 35.06
CA GLU B 479 18.15 7.65 36.34
C GLU B 479 18.70 6.22 36.38
N LYS B 480 17.87 5.23 36.06
CA LYS B 480 18.29 3.82 36.00
C LYS B 480 19.41 3.66 34.97
N PHE B 481 19.42 4.44 33.87
CA PHE B 481 20.44 4.33 32.81
C PHE B 481 21.76 4.91 33.31
N GLY B 482 21.67 6.05 34.00
CA GLY B 482 22.83 6.66 34.67
C GLY B 482 23.50 5.67 35.61
N LYS B 483 22.72 4.96 36.42
CA LYS B 483 23.22 3.92 37.39
C LYS B 483 23.96 2.83 36.62
N ALA B 484 23.37 2.38 35.51
CA ALA B 484 23.89 1.27 34.69
C ALA B 484 25.25 1.71 34.13
N VAL B 485 25.37 2.96 33.68
CA VAL B 485 26.67 3.47 33.14
C VAL B 485 27.66 3.58 34.31
N ARG B 486 27.21 4.04 35.48
CA ARG B 486 28.09 4.18 36.69
C ARG B 486 28.57 2.78 37.12
N ALA B 487 27.69 1.79 37.24
CA ALA B 487 28.08 0.39 37.53
C ALA B 487 29.09 -0.12 36.50
N GLU B 488 28.86 0.02 35.19
CA GLU B 488 29.75 -0.63 34.19
C GLU B 488 31.12 0.02 34.16
N PHE B 489 31.20 1.34 34.38
CA PHE B 489 32.45 2.12 34.18
C PHE B 489 33.19 2.32 35.51
N GLY B 490 32.66 1.74 36.58
CA GLY B 490 33.20 1.80 37.96
C GLY B 490 33.35 3.23 38.48
N LEU B 491 32.26 4.01 38.51
CA LEU B 491 32.28 5.45 38.87
C LEU B 491 31.44 5.70 40.13
C1 BTB C . -12.04 -16.11 -28.95
O1 BTB C . -10.72 -15.71 -28.63
C2 BTB C . -12.58 -17.18 -27.98
C3 BTB C . -11.60 -18.36 -27.83
O3 BTB C . -12.11 -19.33 -26.91
C4 BTB C . -13.88 -17.74 -28.61
O4 BTB C . -14.69 -18.31 -27.60
N BTB C . -12.81 -16.54 -26.63
C5 BTB C . -13.79 -15.39 -26.63
C6 BTB C . -14.48 -15.21 -25.31
O6 BTB C . -15.32 -16.35 -25.04
C7 BTB C . -11.57 -16.24 -25.84
C8 BTB C . -11.23 -17.30 -24.81
O8 BTB C . -12.26 -17.38 -23.86
N1 PLP D . -7.41 -8.55 -9.96
C2 PLP D . -8.16 -8.62 -11.06
C2A PLP D . -8.03 -9.80 -11.94
C3 PLP D . -9.07 -7.59 -11.37
O3 PLP D . -9.80 -7.69 -12.52
C4 PLP D . -9.15 -6.46 -10.53
C4A PLP D . -10.07 -5.36 -10.87
C5 PLP D . -8.34 -6.42 -9.39
C6 PLP D . -7.46 -7.46 -9.18
C5A PLP D . -8.37 -5.25 -8.46
O4P PLP D . -8.27 -5.66 -7.07
P PLP D . -8.18 -4.65 -5.82
O1P PLP D . -6.77 -4.04 -5.89
O2P PLP D . -8.46 -5.59 -4.68
O3P PLP D . -9.28 -3.61 -6.03
N PHE E . -9.88 -4.38 -11.89
CA PHE E . -10.22 -2.94 -12.17
C PHE E . -10.51 -2.78 -13.66
O PHE E . -10.05 -1.83 -14.31
CB PHE E . -9.10 -2.04 -11.63
CG PHE E . -9.09 -0.63 -12.17
CD1 PHE E . -10.25 0.13 -12.20
CD2 PHE E . -7.92 -0.07 -12.66
CE1 PHE E . -10.24 1.42 -12.71
CE2 PHE E . -7.91 1.23 -13.16
CZ PHE E . -9.07 1.98 -13.17
OXT PHE E . -11.22 -3.60 -14.28
CL CL F . -17.95 -20.17 -18.15
CL CL G . -7.73 -11.76 -30.41
C1 BTB H . 28.98 7.96 17.80
O1 BTB H . 28.95 7.09 16.68
C2 BTB H . 28.79 9.41 17.36
C3 BTB H . 29.60 9.67 16.07
O3 BTB H . 29.44 11.03 15.64
C4 BTB H . 29.34 10.35 18.44
O4 BTB H . 28.62 11.57 18.44
N BTB H . 27.33 9.70 17.07
C5 BTB H . 26.41 9.43 18.23
C6 BTB H . 25.15 10.27 18.18
O6 BTB H . 25.43 11.65 18.35
C7 BTB H . 26.80 9.04 15.85
C8 BTB H . 26.74 9.98 14.66
O8 BTB H . 25.84 11.02 14.92
N1 PLP I . 10.97 6.83 7.54
C2 PLP I . 11.68 6.95 8.66
C2A PLP I . 13.09 7.41 8.59
C3 PLP I . 11.11 6.64 9.90
O3 PLP I . 11.91 6.71 11.01
C4 PLP I . 9.78 6.18 9.95
C4A PLP I . 9.18 5.82 11.23
C5 PLP I . 9.05 6.11 8.75
C6 PLP I . 9.69 6.42 7.59
C5A PLP I . 7.64 5.55 8.73
O4P PLP I . 6.77 6.40 7.94
P PLP I . 5.30 6.06 7.58
O1P PLP I . 4.87 7.33 6.91
O2P PLP I . 4.58 5.77 8.93
O3P PLP I . 5.31 4.84 6.67
N PHE J . 9.81 4.85 12.05
CA PHE J . 9.09 3.91 12.95
C PHE J . 10.15 3.14 13.77
O PHE J . 10.91 3.78 14.52
CB PHE J . 8.15 3.02 12.14
CG PHE J . 7.73 1.73 12.81
CD1 PHE J . 7.36 1.71 14.15
CD2 PHE J . 7.72 0.54 12.10
CE1 PHE J . 6.99 0.53 14.76
CE2 PHE J . 7.35 -0.64 12.72
CZ PHE J . 6.98 -0.66 14.04
OXT PHE J . 10.27 1.91 13.69
C TRS K . -9.01 26.31 -0.62
C1 TRS K . -8.06 27.31 -1.30
C2 TRS K . -9.52 25.31 -1.65
C3 TRS K . -10.16 27.10 0.01
N TRS K . -8.20 25.57 0.43
O1 TRS K . -7.77 26.93 -2.63
O2 TRS K . -10.78 24.76 -1.32
O3 TRS K . -10.79 26.38 1.06
CL CL L . 21.48 18.49 15.79
CL CL M . 28.70 1.86 16.73
#